data_4C5J
#
_entry.id   4C5J
#
_cell.length_a   63.580
_cell.length_b   102.340
_cell.length_c   83.540
_cell.angle_alpha   90.00
_cell.angle_beta   90.98
_cell.angle_gamma   90.00
#
_symmetry.space_group_name_H-M   'P 1 21 1'
#
loop_
_entity.id
_entity.type
_entity.pdbx_description
1 polymer 'PHOSPHOMETHYLPYRIMIDINE KINASE'
2 non-polymer 'SULFATE ION'
3 water water
#
_entity_poly.entity_id   1
_entity_poly.type   'polypeptide(L)'
_entity_poly.pdbx_seq_one_letter_code
;GALKKVLTIAGSDTSAGAGMQADLKTFQELDTYGMVALTAIVTMDKDTWSHDVTPLPMDVFEKQLETALSIGPDAIKTGM
LGTEEIIKRAGEVYEASNAQYFVVDPVMVCKGEDEVLNPGNTEAMIKYLLPKATVVTPNLFEAGQLSGLGKLNSIEDMKK
AATIIFDKGAQHVIIKGGKALDQDKSYDLYYDGQTFYQLTTDMFQQSYNHGAGCTFAAATTAYLANGKSPKEAVISAKAF
VASAIKNGWKMNDFVGPVDHGAYNRIEHIDVEVTEV
;
_entity_poly.pdbx_strand_id   A,B,C,D
#
loop_
_chem_comp.id
_chem_comp.type
_chem_comp.name
_chem_comp.formula
SO4 non-polymer 'SULFATE ION' 'O4 S -2'
#
# COMPACT_ATOMS: atom_id res chain seq x y z
N GLY A 1 -6.53 -14.25 0.63
CA GLY A 1 -7.05 -15.22 1.60
C GLY A 1 -7.22 -14.52 2.93
N ALA A 2 -7.50 -15.34 3.92
CA ALA A 2 -7.78 -14.88 5.25
C ALA A 2 -6.54 -14.24 5.88
N LEU A 3 -6.80 -13.30 6.77
CA LEU A 3 -5.74 -12.72 7.56
C LEU A 3 -5.09 -13.84 8.42
N LYS A 4 -3.77 -13.82 8.44
CA LYS A 4 -3.03 -14.72 9.32
C LYS A 4 -3.18 -14.30 10.77
N LYS A 5 -3.39 -15.23 11.68
CA LYS A 5 -3.65 -14.98 13.09
C LYS A 5 -2.31 -15.09 13.83
N VAL A 6 -1.87 -13.97 14.38
CA VAL A 6 -0.54 -13.87 14.95
C VAL A 6 -0.71 -13.48 16.41
N LEU A 7 -0.24 -14.35 17.29
CA LEU A 7 -0.31 -14.22 18.78
C LEU A 7 1.02 -13.80 19.35
N THR A 8 1.03 -12.78 20.19
CA THR A 8 2.16 -12.46 21.05
C THR A 8 1.81 -12.84 22.50
N ILE A 9 2.81 -13.39 23.17
CA ILE A 9 2.74 -13.63 24.61
C ILE A 9 3.70 -12.65 25.24
N ALA A 10 3.15 -11.61 25.89
CA ALA A 10 3.93 -10.42 26.26
C ALA A 10 3.13 -9.60 27.30
N GLY A 11 3.81 -8.65 27.95
CA GLY A 11 3.18 -7.75 28.86
C GLY A 11 2.82 -6.43 28.21
N SER A 12 2.08 -5.66 28.94
CA SER A 12 1.68 -4.34 28.51
C SER A 12 2.65 -3.31 28.94
N ASP A 13 3.21 -2.61 27.97
CA ASP A 13 4.05 -1.41 28.13
C ASP A 13 3.15 -0.22 28.15
N THR A 14 2.83 0.37 29.30
CA THR A 14 1.80 1.38 29.35
C THR A 14 2.19 2.59 28.45
N SER A 15 3.48 2.85 28.30
CA SER A 15 3.96 3.92 27.44
C SER A 15 3.70 3.67 25.90
N ALA A 16 3.46 2.40 25.57
CA ALA A 16 2.91 1.91 24.32
C ALA A 16 3.89 1.81 23.20
N GLY A 17 5.18 1.86 23.50
CA GLY A 17 6.17 1.79 22.44
C GLY A 17 6.76 0.39 22.27
N ALA A 18 6.83 -0.33 23.37
CA ALA A 18 7.35 -1.69 23.36
C ALA A 18 6.24 -2.66 23.80
N GLY A 19 6.60 -3.81 24.38
CA GLY A 19 5.65 -4.70 24.86
C GLY A 19 4.65 -5.22 23.81
N MET A 20 3.50 -5.61 24.26
CA MET A 20 2.45 -6.08 23.40
C MET A 20 1.98 -4.99 22.46
N GLN A 21 2.06 -3.73 22.89
CA GLN A 21 1.62 -2.63 22.09
C GLN A 21 2.45 -2.58 20.78
N ALA A 22 3.77 -2.69 20.92
CA ALA A 22 4.62 -2.71 19.69
C ALA A 22 4.21 -3.88 18.84
N ASP A 23 3.97 -5.02 19.42
CA ASP A 23 3.60 -6.26 18.72
C ASP A 23 2.30 -6.06 17.94
N LEU A 24 1.23 -5.64 18.59
CA LEU A 24 -0.07 -5.45 17.88
C LEU A 24 0.02 -4.40 16.80
N LYS A 25 0.71 -3.30 17.10
CA LYS A 25 0.87 -2.27 16.11
C LYS A 25 1.58 -2.78 14.85
N THR A 26 2.68 -3.51 15.08
CA THR A 26 3.46 -4.05 13.96
C THR A 26 2.64 -5.10 13.20
N PHE A 27 1.97 -5.99 13.90
CA PHE A 27 1.07 -6.96 13.30
C PHE A 27 0.06 -6.28 12.37
N GLN A 28 -0.47 -5.12 12.82
CA GLN A 28 -1.52 -4.44 12.11
C GLN A 28 -0.92 -3.81 10.85
N GLU A 29 0.27 -3.20 10.97
CA GLU A 29 0.98 -2.59 9.85
C GLU A 29 1.34 -3.59 8.77
N LEU A 30 1.47 -4.83 9.16
CA LEU A 30 1.85 -5.90 8.26
C LEU A 30 0.67 -6.77 7.83
N ASP A 31 -0.54 -6.24 8.00
CA ASP A 31 -1.70 -6.92 7.46
C ASP A 31 -1.91 -8.32 7.95
N THR A 32 -1.80 -8.50 9.29
CA THR A 32 -2.11 -9.71 9.98
C THR A 32 -3.14 -9.43 11.06
N TYR A 33 -3.74 -10.47 11.62
CA TYR A 33 -4.68 -10.35 12.70
C TYR A 33 -3.98 -10.56 14.05
N GLY A 34 -3.67 -9.47 14.70
CA GLY A 34 -2.87 -9.56 15.89
C GLY A 34 -3.77 -9.84 17.08
N MET A 35 -3.15 -10.64 17.97
CA MET A 35 -3.68 -11.13 19.26
C MET A 35 -2.59 -11.13 20.40
N VAL A 36 -3.02 -11.04 21.68
CA VAL A 36 -2.11 -10.98 22.81
C VAL A 36 -2.68 -11.84 23.89
N ALA A 37 -1.81 -12.65 24.49
CA ALA A 37 -2.04 -13.17 25.81
C ALA A 37 -1.13 -12.37 26.76
N LEU A 38 -1.75 -11.55 27.63
CA LEU A 38 -1.07 -10.65 28.53
C LEU A 38 -0.51 -11.37 29.77
N THR A 39 0.75 -11.09 30.02
CA THR A 39 1.44 -11.63 31.20
C THR A 39 1.53 -10.70 32.40
N ALA A 40 1.57 -9.40 32.15
CA ALA A 40 1.95 -8.42 33.10
C ALA A 40 1.62 -7.03 32.60
N ILE A 41 1.62 -6.06 33.51
CA ILE A 41 1.44 -4.66 33.20
C ILE A 41 2.61 -3.87 33.75
N VAL A 42 3.29 -3.10 32.90
CA VAL A 42 4.38 -2.26 33.26
C VAL A 42 3.95 -0.80 33.25
N THR A 43 4.09 -0.16 34.40
CA THR A 43 3.81 1.26 34.49
C THR A 43 5.06 2.05 34.93
N MET A 44 5.01 3.38 34.77
CA MET A 44 6.12 4.26 35.04
C MET A 44 5.73 5.46 35.91
N ASP A 45 6.60 5.79 36.87
CA ASP A 45 6.41 6.93 37.75
C ASP A 45 6.47 8.23 36.92
N LYS A 46 5.53 9.16 37.13
CA LYS A 46 5.49 10.41 36.36
C LYS A 46 6.72 11.33 36.46
N ASP A 47 7.48 11.19 37.57
CA ASP A 47 8.58 12.11 37.92
C ASP A 47 9.95 11.53 37.57
N THR A 48 10.16 10.26 37.93
CA THR A 48 11.44 9.56 37.76
C THR A 48 11.41 8.51 36.60
N TRP A 49 10.19 8.15 36.12
CA TRP A 49 10.00 7.13 35.11
C TRP A 49 10.42 5.74 35.59
N SER A 50 10.55 5.61 36.91
CA SER A 50 10.87 4.33 37.52
C SER A 50 9.77 3.37 37.10
N HIS A 51 10.16 2.17 36.69
CA HIS A 51 9.21 1.14 36.31
C HIS A 51 8.66 0.28 37.46
N ASP A 52 7.41 -0.13 37.31
CA ASP A 52 6.72 -1.03 38.21
C ASP A 52 6.05 -2.10 37.37
N VAL A 53 6.47 -3.31 37.58
CA VAL A 53 5.95 -4.48 36.91
C VAL A 53 4.91 -5.20 37.82
N THR A 54 3.67 -5.21 37.35
CA THR A 54 2.60 -5.89 37.99
C THR A 54 2.25 -7.16 37.25
N PRO A 55 2.66 -8.32 37.79
CA PRO A 55 2.29 -9.57 37.16
C PRO A 55 0.79 -9.82 37.13
N LEU A 56 0.27 -10.43 36.10
CA LEU A 56 -1.09 -10.85 36.14
C LEU A 56 -1.15 -12.24 36.79
N PRO A 57 -2.26 -12.52 37.48
CA PRO A 57 -2.40 -13.84 38.12
C PRO A 57 -2.35 -14.97 37.07
N MET A 58 -1.81 -16.11 37.44
CA MET A 58 -1.66 -17.18 36.52
C MET A 58 -3.00 -17.71 36.00
N ASP A 59 -4.03 -17.65 36.81
CA ASP A 59 -5.33 -18.11 36.32
C ASP A 59 -5.82 -17.30 35.10
N VAL A 60 -5.66 -15.99 35.15
CA VAL A 60 -6.10 -15.14 33.99
C VAL A 60 -5.18 -15.33 32.80
N PHE A 61 -3.91 -15.56 33.07
CA PHE A 61 -2.96 -15.89 31.98
C PHE A 61 -3.45 -17.16 31.29
N GLU A 62 -3.80 -18.19 32.07
CA GLU A 62 -4.24 -19.43 31.48
C GLU A 62 -5.55 -19.28 30.68
N LYS A 63 -6.50 -18.50 31.22
CA LYS A 63 -7.77 -18.30 30.55
C LYS A 63 -7.47 -17.66 29.19
N GLN A 64 -6.56 -16.68 29.12
CA GLN A 64 -6.28 -16.04 27.84
C GLN A 64 -5.67 -17.05 26.86
N LEU A 65 -4.73 -17.87 27.35
CA LEU A 65 -4.14 -18.90 26.49
C LEU A 65 -5.16 -19.82 25.89
N GLU A 66 -6.15 -20.23 26.68
CA GLU A 66 -7.13 -21.13 26.24
C GLU A 66 -7.95 -20.51 25.07
N THR A 67 -8.32 -19.25 25.24
CA THR A 67 -9.03 -18.56 24.18
C THR A 67 -8.18 -18.44 22.92
N ALA A 68 -6.94 -17.98 23.07
CA ALA A 68 -6.03 -17.81 21.92
C ALA A 68 -5.85 -19.14 21.17
N LEU A 69 -5.58 -20.22 21.91
CA LEU A 69 -5.35 -21.52 21.30
CA LEU A 69 -5.36 -21.54 21.29
C LEU A 69 -6.58 -22.02 20.56
N SER A 70 -7.76 -21.74 21.12
CA SER A 70 -9.05 -22.09 20.47
C SER A 70 -9.18 -21.39 19.12
N ILE A 71 -8.84 -20.10 19.05
CA ILE A 71 -8.89 -19.37 17.84
C ILE A 71 -7.93 -19.91 16.77
N GLY A 72 -6.75 -20.36 17.21
CA GLY A 72 -5.83 -21.04 16.36
C GLY A 72 -4.84 -20.11 15.69
N PRO A 73 -3.74 -19.76 16.38
CA PRO A 73 -2.72 -18.89 15.78
C PRO A 73 -2.02 -19.62 14.64
N ASP A 74 -1.69 -18.86 13.61
CA ASP A 74 -0.79 -19.27 12.53
C ASP A 74 0.68 -19.06 12.92
N ALA A 75 0.94 -18.14 13.83
CA ALA A 75 2.31 -17.84 14.24
C ALA A 75 2.24 -17.29 15.67
N ILE A 76 3.28 -17.51 16.47
CA ILE A 76 3.39 -17.04 17.84
C ILE A 76 4.74 -16.41 18.04
N LYS A 77 4.74 -15.25 18.72
CA LYS A 77 5.94 -14.55 19.17
C LYS A 77 5.90 -14.57 20.70
N THR A 78 7.11 -14.66 21.30
CA THR A 78 7.25 -14.37 22.73
C THR A 78 8.04 -13.11 22.90
N GLY A 79 7.54 -12.24 23.76
CA GLY A 79 8.27 -11.05 24.18
C GLY A 79 8.93 -11.32 25.54
N MET A 80 9.22 -10.27 26.27
CA MET A 80 9.82 -10.46 27.58
C MET A 80 8.88 -11.23 28.53
N LEU A 81 9.40 -12.32 29.10
CA LEU A 81 8.65 -13.18 30.00
C LEU A 81 9.37 -13.16 31.36
N GLY A 82 8.60 -13.08 32.41
CA GLY A 82 9.19 -12.74 33.70
C GLY A 82 9.62 -13.94 34.55
N THR A 83 9.10 -15.12 34.26
CA THR A 83 9.36 -16.28 35.08
C THR A 83 9.57 -17.55 34.27
N GLU A 84 10.26 -18.49 34.87
CA GLU A 84 10.52 -19.78 34.26
C GLU A 84 9.24 -20.51 33.95
N GLU A 85 8.25 -20.36 34.85
CA GLU A 85 7.00 -20.99 34.65
C GLU A 85 6.30 -20.47 33.37
N ILE A 86 6.29 -19.15 33.19
CA ILE A 86 5.64 -18.62 32.01
CA ILE A 86 5.69 -18.54 32.01
C ILE A 86 6.48 -18.97 30.75
N ILE A 87 7.78 -19.01 30.89
CA ILE A 87 8.67 -19.43 29.73
C ILE A 87 8.25 -20.85 29.27
N LYS A 88 8.17 -21.76 30.25
CA LYS A 88 7.75 -23.12 29.97
C LYS A 88 6.36 -23.21 29.32
N ARG A 89 5.38 -22.46 29.87
CA ARG A 89 4.01 -22.45 29.31
C ARG A 89 4.01 -21.94 27.89
N ALA A 90 4.80 -20.91 27.63
CA ALA A 90 4.82 -20.34 26.28
C ALA A 90 5.25 -21.41 25.28
N GLY A 91 6.29 -22.13 25.59
CA GLY A 91 6.66 -23.23 24.73
C GLY A 91 5.64 -24.34 24.54
N GLU A 92 4.90 -24.62 25.61
CA GLU A 92 3.86 -25.60 25.55
C GLU A 92 2.68 -25.18 24.69
N VAL A 93 2.30 -23.89 24.79
CA VAL A 93 1.23 -23.30 24.02
CA VAL A 93 1.15 -23.46 23.97
C VAL A 93 1.56 -23.43 22.49
N TYR A 94 2.79 -23.10 22.15
CA TYR A 94 3.22 -23.23 20.74
C TYR A 94 3.10 -24.70 20.30
N GLU A 95 3.61 -25.64 21.08
CA GLU A 95 3.52 -27.08 20.74
C GLU A 95 2.10 -27.57 20.59
N ALA A 96 1.21 -27.01 21.43
CA ALA A 96 -0.19 -27.46 21.46
C ALA A 96 -0.99 -26.87 20.26
N SER A 97 -0.53 -25.76 19.71
CA SER A 97 -1.23 -25.08 18.64
C SER A 97 -0.88 -25.77 17.33
N ASN A 98 -1.55 -25.35 16.26
CA ASN A 98 -1.09 -25.72 14.91
C ASN A 98 -0.26 -24.67 14.23
N ALA A 99 0.31 -23.73 15.00
CA ALA A 99 1.17 -22.73 14.41
C ALA A 99 2.48 -23.33 13.82
N GLN A 100 2.87 -22.87 12.63
CA GLN A 100 4.12 -23.35 12.02
CA GLN A 100 4.13 -23.33 12.03
C GLN A 100 5.37 -22.50 12.37
N TYR A 101 5.10 -21.31 12.95
CA TYR A 101 6.18 -20.41 13.23
C TYR A 101 6.18 -19.97 14.69
N PHE A 102 7.36 -19.96 15.31
CA PHE A 102 7.57 -19.54 16.68
C PHE A 102 8.78 -18.64 16.72
N VAL A 103 8.58 -17.37 17.06
CA VAL A 103 9.64 -16.41 17.13
C VAL A 103 9.87 -16.01 18.55
N VAL A 104 11.07 -16.23 19.04
CA VAL A 104 11.39 -15.98 20.42
C VAL A 104 12.34 -14.79 20.54
N ASP A 105 11.86 -13.69 21.19
CA ASP A 105 12.72 -12.58 21.51
C ASP A 105 13.19 -12.79 22.93
N PRO A 106 14.44 -13.19 23.12
CA PRO A 106 14.93 -13.71 24.43
C PRO A 106 15.35 -12.60 25.35
N VAL A 107 14.41 -11.75 25.69
CA VAL A 107 14.74 -10.52 26.36
C VAL A 107 15.28 -10.79 27.78
N MET A 108 16.45 -10.17 28.10
CA MET A 108 17.07 -10.27 29.40
C MET A 108 17.50 -8.89 29.88
N VAL A 109 17.91 -8.80 31.14
CA VAL A 109 18.47 -7.59 31.72
C VAL A 109 19.89 -7.89 32.14
N CYS A 110 20.81 -7.03 31.74
CA CYS A 110 22.21 -7.12 32.15
C CYS A 110 22.39 -6.25 33.42
N LYS A 111 22.91 -6.88 34.48
CA LYS A 111 23.14 -6.32 35.81
C LYS A 111 24.48 -5.55 35.88
N GLY A 112 25.23 -5.42 34.79
CA GLY A 112 26.60 -4.87 34.87
C GLY A 112 27.60 -6.01 34.75
N GLU A 113 28.78 -5.67 34.21
CA GLU A 113 29.90 -6.61 34.01
C GLU A 113 29.40 -7.96 33.47
N ASP A 114 28.62 -7.88 32.38
CA ASP A 114 28.16 -9.07 31.66
C ASP A 114 27.38 -10.12 32.51
N GLU A 115 26.75 -9.68 33.58
CA GLU A 115 26.01 -10.57 34.49
C GLU A 115 24.56 -10.37 34.18
N VAL A 116 23.82 -11.45 34.23
CA VAL A 116 22.40 -11.38 33.94
C VAL A 116 21.64 -11.26 35.23
N LEU A 117 20.49 -10.59 35.15
CA LEU A 117 19.62 -10.46 36.33
C LEU A 117 18.96 -11.72 36.80
N ASN A 118 18.39 -12.44 35.87
CA ASN A 118 17.65 -13.67 36.25
C ASN A 118 18.26 -14.87 35.51
N PRO A 119 19.33 -15.48 36.07
CA PRO A 119 19.96 -16.55 35.28
C PRO A 119 19.03 -17.73 35.07
N GLY A 120 18.11 -17.99 36.00
CA GLY A 120 17.21 -19.13 35.83
C GLY A 120 16.38 -18.95 34.58
N ASN A 121 15.99 -17.70 34.29
CA ASN A 121 15.18 -17.45 33.08
C ASN A 121 15.95 -17.77 31.82
N THR A 122 17.27 -17.50 31.81
CA THR A 122 18.07 -17.84 30.62
C THR A 122 18.10 -19.37 30.49
N GLU A 123 18.32 -20.11 31.58
CA GLU A 123 18.30 -21.58 31.52
C GLU A 123 16.96 -22.06 31.00
N ALA A 124 15.86 -21.47 31.46
CA ALA A 124 14.55 -21.87 31.01
C ALA A 124 14.34 -21.59 29.48
N MET A 125 14.83 -20.47 29.02
CA MET A 125 14.76 -20.21 27.59
C MET A 125 15.50 -21.28 26.78
N ILE A 126 16.72 -21.59 27.20
CA ILE A 126 17.55 -22.60 26.48
C ILE A 126 16.83 -23.96 26.46
N LYS A 127 16.24 -24.33 27.63
CA LYS A 127 15.53 -25.55 27.80
CA LYS A 127 15.54 -25.58 27.83
C LYS A 127 14.20 -25.71 27.05
N TYR A 128 13.35 -24.67 27.14
CA TYR A 128 11.96 -24.76 26.71
C TYR A 128 11.68 -24.04 25.40
N LEU A 129 12.42 -22.96 25.13
CA LEU A 129 12.10 -22.15 23.95
C LEU A 129 13.03 -22.38 22.76
N LEU A 130 14.36 -22.35 22.95
CA LEU A 130 15.25 -22.55 21.84
C LEU A 130 14.92 -23.79 20.97
N PRO A 131 14.64 -24.93 21.58
CA PRO A 131 14.43 -26.07 20.76
C PRO A 131 13.17 -26.04 19.88
N LYS A 132 12.28 -25.10 20.17
CA LYS A 132 11.04 -24.92 19.48
C LYS A 132 11.05 -23.75 18.48
N ALA A 133 12.05 -22.93 18.57
CA ALA A 133 12.07 -21.66 17.86
C ALA A 133 12.31 -21.81 16.40
N THR A 134 11.46 -21.20 15.58
CA THR A 134 11.80 -20.97 14.16
C THR A 134 12.90 -19.95 14.06
N VAL A 135 12.74 -18.82 14.76
CA VAL A 135 13.75 -17.76 14.79
C VAL A 135 13.91 -17.34 16.22
N VAL A 136 15.16 -17.12 16.65
CA VAL A 136 15.43 -16.47 17.97
C VAL A 136 16.23 -15.26 17.68
N THR A 137 15.89 -14.16 18.36
CA THR A 137 16.36 -12.83 18.02
C THR A 137 17.14 -12.09 19.14
N PRO A 138 18.18 -12.71 19.70
CA PRO A 138 18.93 -12.05 20.77
C PRO A 138 19.65 -10.79 20.34
N ASN A 139 19.75 -9.85 21.27
CA ASN A 139 20.77 -8.79 21.15
C ASN A 139 22.15 -9.36 21.51
N LEU A 140 23.18 -8.53 21.44
CA LEU A 140 24.51 -9.03 21.62
C LEU A 140 24.72 -9.67 22.99
N PHE A 141 24.20 -9.00 24.03
CA PHE A 141 24.26 -9.50 25.40
C PHE A 141 23.54 -10.82 25.53
N GLU A 142 22.30 -10.86 25.05
CA GLU A 142 21.51 -12.07 25.16
C GLU A 142 22.18 -13.25 24.48
N ALA A 143 22.79 -13.00 23.31
CA ALA A 143 23.42 -14.08 22.58
C ALA A 143 24.62 -14.67 23.34
N GLY A 144 25.37 -13.81 24.05
CA GLY A 144 26.42 -14.29 24.93
C GLY A 144 25.86 -15.16 26.04
N GLN A 145 24.71 -14.77 26.58
CA GLN A 145 24.07 -15.57 27.61
C GLN A 145 23.53 -16.93 27.12
N LEU A 146 22.84 -16.89 26.00
CA LEU A 146 22.21 -18.11 25.44
C LEU A 146 23.28 -19.12 25.03
N SER A 147 24.41 -18.62 24.54
CA SER A 147 25.51 -19.46 24.11
C SER A 147 26.49 -19.92 25.16
N GLY A 148 26.38 -19.34 26.35
CA GLY A 148 27.32 -19.57 27.41
C GLY A 148 28.73 -19.01 27.22
N LEU A 149 28.91 -18.15 26.20
CA LEU A 149 30.19 -17.55 25.89
C LEU A 149 30.49 -16.24 26.64
N GLY A 150 29.50 -15.66 27.28
CA GLY A 150 29.68 -14.35 27.85
C GLY A 150 29.80 -13.28 26.76
N LYS A 151 30.54 -12.20 27.02
CA LYS A 151 30.62 -11.06 26.17
C LYS A 151 31.24 -11.35 24.80
N LEU A 152 30.48 -11.01 23.78
CA LEU A 152 30.86 -11.08 22.36
C LEU A 152 31.25 -9.73 21.83
N ASN A 153 32.31 -9.69 21.04
CA ASN A 153 32.90 -8.42 20.59
C ASN A 153 33.18 -8.25 19.09
N SER A 154 32.74 -9.23 18.30
CA SER A 154 33.06 -9.27 16.88
C SER A 154 32.13 -10.16 16.15
N ILE A 155 32.11 -10.04 14.81
CA ILE A 155 31.34 -10.96 13.96
C ILE A 155 31.81 -12.41 14.22
N GLU A 156 33.12 -12.62 14.39
CA GLU A 156 33.62 -13.98 14.62
C GLU A 156 33.06 -14.60 15.93
N ASP A 157 32.98 -13.80 16.97
CA ASP A 157 32.36 -14.24 18.23
C ASP A 157 30.86 -14.50 18.05
N MET A 158 30.21 -13.64 17.27
CA MET A 158 28.80 -13.79 16.99
C MET A 158 28.56 -15.07 16.20
N LYS A 159 29.46 -15.39 15.23
CA LYS A 159 29.30 -16.63 14.49
C LYS A 159 29.33 -17.82 15.43
N LYS A 160 30.29 -17.80 16.36
CA LYS A 160 30.42 -18.88 17.32
C LYS A 160 29.17 -19.02 18.19
N ALA A 161 28.69 -17.89 18.68
CA ALA A 161 27.45 -17.89 19.48
C ALA A 161 26.25 -18.43 18.68
N ALA A 162 26.14 -18.02 17.42
CA ALA A 162 25.06 -18.47 16.58
C ALA A 162 25.10 -19.96 16.38
N THR A 163 26.28 -20.54 16.17
CA THR A 163 26.33 -21.97 15.98
C THR A 163 25.89 -22.71 17.21
N ILE A 164 26.28 -22.22 18.40
CA ILE A 164 25.87 -22.83 19.66
C ILE A 164 24.38 -22.74 19.92
N ILE A 165 23.82 -21.57 19.61
CA ILE A 165 22.35 -21.36 19.76
C ILE A 165 21.56 -22.26 18.78
N PHE A 166 22.07 -22.36 17.55
CA PHE A 166 21.53 -23.32 16.57
C PHE A 166 21.59 -24.75 17.08
N ASP A 167 22.72 -25.15 17.67
CA ASP A 167 22.86 -26.49 18.19
C ASP A 167 21.90 -26.75 19.34
N LYS A 168 21.48 -25.69 20.05
CA LYS A 168 20.52 -25.88 21.16
C LYS A 168 19.10 -26.07 20.63
N GLY A 169 18.90 -25.86 19.32
CA GLY A 169 17.71 -26.29 18.59
C GLY A 169 16.97 -25.20 17.79
N ALA A 170 17.37 -23.93 17.89
CA ALA A 170 16.75 -22.86 17.13
C ALA A 170 17.05 -23.08 15.66
N GLN A 171 16.02 -22.99 14.82
CA GLN A 171 16.21 -23.22 13.40
C GLN A 171 17.00 -22.13 12.69
N HIS A 172 16.79 -20.89 13.16
CA HIS A 172 17.35 -19.69 12.61
C HIS A 172 17.70 -18.78 13.74
N VAL A 173 18.85 -18.11 13.62
CA VAL A 173 19.39 -17.23 14.70
C VAL A 173 19.74 -15.92 14.11
N ILE A 174 19.23 -14.83 14.70
CA ILE A 174 19.70 -13.53 14.31
C ILE A 174 20.18 -12.78 15.55
N ILE A 175 21.50 -12.47 15.57
CA ILE A 175 22.09 -11.73 16.65
C ILE A 175 22.26 -10.28 16.26
N LYS A 176 21.61 -9.42 17.05
CA LYS A 176 21.68 -7.99 16.77
C LYS A 176 22.90 -7.36 17.40
N GLY A 177 23.81 -6.85 16.58
CA GLY A 177 25.06 -6.25 17.12
C GLY A 177 24.82 -5.02 17.92
N GLY A 178 24.02 -4.13 17.36
CA GLY A 178 23.69 -2.81 18.03
C GLY A 178 24.89 -1.91 18.24
N LYS A 179 24.64 -0.87 19.01
CA LYS A 179 25.69 0.09 19.37
C LYS A 179 26.86 -0.57 20.08
N ALA A 180 26.57 -1.63 20.85
CA ALA A 180 27.61 -2.41 21.55
C ALA A 180 28.70 -2.91 20.59
N LEU A 181 28.30 -3.21 19.33
CA LEU A 181 29.23 -3.67 18.29
C LEU A 181 29.86 -2.54 17.42
N ASP A 182 29.08 -1.55 17.04
CA ASP A 182 29.55 -0.47 16.17
C ASP A 182 28.59 0.70 16.40
N GLN A 183 29.16 1.90 16.40
CA GLN A 183 28.35 3.11 16.54
C GLN A 183 27.78 3.71 15.23
N ASP A 184 28.35 3.37 14.05
CA ASP A 184 27.92 3.98 12.79
C ASP A 184 26.98 3.10 11.96
N LYS A 185 27.17 1.78 12.11
CA LYS A 185 26.37 0.79 11.35
C LYS A 185 25.79 -0.22 12.29
N SER A 186 24.55 -0.62 12.00
CA SER A 186 23.82 -1.65 12.72
C SER A 186 24.04 -2.98 11.97
N TYR A 187 24.93 -3.84 12.52
CA TYR A 187 25.25 -5.09 11.94
C TYR A 187 24.60 -6.18 12.70
N ASP A 188 23.83 -6.96 11.96
CA ASP A 188 23.24 -8.17 12.53
C ASP A 188 23.80 -9.39 11.83
N LEU A 189 23.89 -10.48 12.56
CA LEU A 189 24.41 -11.76 12.06
CA LEU A 189 24.37 -11.74 12.01
C LEU A 189 23.29 -12.79 12.01
N TYR A 190 22.93 -13.20 10.79
CA TYR A 190 21.89 -14.22 10.60
C TYR A 190 22.56 -15.56 10.25
N TYR A 191 22.07 -16.62 10.86
CA TYR A 191 22.54 -17.95 10.61
C TYR A 191 21.39 -18.91 10.48
N ASP A 192 21.49 -19.78 9.46
CA ASP A 192 20.49 -20.81 9.20
C ASP A 192 20.99 -22.23 9.28
N GLY A 193 22.13 -22.42 9.97
CA GLY A 193 22.78 -23.72 10.08
C GLY A 193 23.74 -24.05 8.97
N GLN A 194 23.77 -23.22 7.96
CA GLN A 194 24.58 -23.45 6.78
C GLN A 194 25.42 -22.23 6.35
N THR A 195 24.76 -21.10 6.26
CA THR A 195 25.35 -19.88 5.81
C THR A 195 25.17 -18.78 6.85
N PHE A 196 26.22 -17.98 7.01
CA PHE A 196 26.20 -16.77 7.82
C PHE A 196 26.05 -15.56 6.94
N TYR A 197 25.05 -14.74 7.25
CA TYR A 197 24.84 -13.51 6.56
C TYR A 197 24.96 -12.33 7.51
N GLN A 198 25.69 -11.30 7.10
CA GLN A 198 25.70 -10.03 7.78
C GLN A 198 24.72 -9.10 7.15
N LEU A 199 23.83 -8.53 7.97
CA LEU A 199 22.83 -7.58 7.53
C LEU A 199 23.22 -6.23 8.09
N THR A 200 23.17 -5.21 7.24
CA THR A 200 23.63 -3.87 7.63
C THR A 200 22.66 -2.81 7.19
N THR A 201 22.49 -1.82 8.06
CA THR A 201 21.85 -0.56 7.78
C THR A 201 22.71 0.42 8.55
N ASP A 202 22.52 1.68 8.26
CA ASP A 202 23.10 2.75 9.09
C ASP A 202 22.58 2.69 10.53
N MET A 203 23.39 3.19 11.46
CA MET A 203 23.04 3.32 12.83
C MET A 203 22.45 4.70 12.72
N PHE A 204 21.19 4.68 13.00
CA PHE A 204 20.39 5.89 13.04
C PHE A 204 20.52 6.54 14.42
N GLN A 205 19.81 7.65 14.60
CA GLN A 205 19.76 8.28 15.90
C GLN A 205 19.55 7.20 16.98
N GLN A 206 20.23 7.39 18.10
CA GLN A 206 20.27 6.41 19.21
C GLN A 206 19.34 6.82 20.35
N SER A 207 18.74 8.01 20.22
CA SER A 207 18.07 8.64 21.33
C SER A 207 16.69 7.96 21.53
N TYR A 208 16.00 7.67 20.40
CA TYR A 208 14.59 7.19 20.37
C TYR A 208 14.38 5.79 19.67
N ASN A 209 14.74 4.74 20.44
CA ASN A 209 14.66 3.37 19.96
CA ASN A 209 14.80 3.37 20.08
C ASN A 209 13.89 2.44 20.91
N HIS A 210 13.04 3.02 21.76
CA HIS A 210 12.24 2.22 22.64
C HIS A 210 11.24 1.40 21.81
N GLY A 211 11.23 0.09 22.06
CA GLY A 211 10.41 -0.83 21.28
C GLY A 211 11.03 -1.38 19.99
N ALA A 212 12.27 -1.04 19.72
CA ALA A 212 12.93 -1.55 18.51
C ALA A 212 13.02 -3.07 18.48
N GLY A 213 13.52 -3.66 19.55
CA GLY A 213 13.59 -5.10 19.57
C GLY A 213 12.28 -5.82 19.42
N CYS A 214 11.26 -5.35 20.17
CA CYS A 214 9.98 -5.98 20.08
C CYS A 214 9.45 -5.91 18.64
N THR A 215 9.61 -4.71 18.04
CA THR A 215 9.18 -4.45 16.66
C THR A 215 9.85 -5.36 15.67
N PHE A 216 11.16 -5.47 15.77
CA PHE A 216 11.90 -6.40 14.89
C PHE A 216 11.36 -7.84 14.99
N ALA A 217 11.16 -8.35 16.20
CA ALA A 217 10.70 -9.71 16.40
C ALA A 217 9.26 -9.86 15.89
N ALA A 218 8.41 -8.88 16.20
CA ALA A 218 7.04 -8.90 15.74
C ALA A 218 6.98 -8.90 14.20
N ALA A 219 7.82 -8.10 13.59
CA ALA A 219 7.82 -8.01 12.12
C ALA A 219 8.27 -9.32 11.51
N THR A 220 9.33 -9.90 12.06
CA THR A 220 9.77 -11.23 11.64
C THR A 220 8.62 -12.26 11.68
N THR A 221 7.86 -12.24 12.78
CA THR A 221 6.77 -13.15 12.97
C THR A 221 5.72 -12.95 11.86
N ALA A 222 5.33 -11.69 11.65
CA ALA A 222 4.31 -11.37 10.65
C ALA A 222 4.74 -11.76 9.20
N TYR A 223 5.99 -11.54 8.92
CA TYR A 223 6.54 -11.83 7.59
C TYR A 223 6.57 -13.31 7.34
N LEU A 224 6.96 -14.07 8.35
CA LEU A 224 6.83 -15.52 8.27
C LEU A 224 5.40 -15.98 8.05
N ALA A 225 4.50 -15.49 8.88
CA ALA A 225 3.10 -15.83 8.76
C ALA A 225 2.59 -15.61 7.35
N ASN A 226 2.98 -14.50 6.76
CA ASN A 226 2.53 -14.09 5.42
C ASN A 226 3.33 -14.75 4.27
N GLY A 227 4.21 -15.69 4.62
CA GLY A 227 4.83 -16.58 3.62
C GLY A 227 6.21 -16.27 3.15
N LYS A 228 6.90 -15.34 3.81
CA LYS A 228 8.28 -15.09 3.46
C LYS A 228 9.16 -16.17 4.07
N SER A 229 10.24 -16.54 3.36
CA SER A 229 11.21 -17.43 3.96
C SER A 229 11.82 -16.84 5.19
N PRO A 230 12.42 -17.65 6.05
CA PRO A 230 13.08 -17.07 7.23
C PRO A 230 14.12 -16.02 6.90
N LYS A 231 14.93 -16.25 5.87
CA LYS A 231 15.97 -15.24 5.47
C LYS A 231 15.29 -13.95 4.99
N GLU A 232 14.30 -14.07 4.12
CA GLU A 232 13.61 -12.84 3.65
C GLU A 232 12.80 -12.17 4.74
N ALA A 233 12.26 -12.99 5.67
CA ALA A 233 11.53 -12.39 6.81
C ALA A 233 12.43 -11.54 7.66
N VAL A 234 13.62 -12.05 7.97
CA VAL A 234 14.58 -11.34 8.79
CA VAL A 234 14.53 -11.26 8.83
C VAL A 234 15.09 -10.06 8.10
N ILE A 235 15.38 -10.18 6.80
CA ILE A 235 15.83 -9.02 6.03
C ILE A 235 14.72 -7.98 5.98
N SER A 236 13.48 -8.41 5.72
CA SER A 236 12.37 -7.47 5.65
C SER A 236 12.11 -6.83 7.00
N ALA A 237 12.18 -7.63 8.04
CA ALA A 237 11.99 -7.16 9.42
C ALA A 237 13.06 -6.10 9.76
N LYS A 238 14.30 -6.32 9.30
CA LYS A 238 15.37 -5.34 9.56
C LYS A 238 15.06 -4.03 8.91
N ALA A 239 14.58 -4.07 7.64
CA ALA A 239 14.17 -2.83 6.96
C ALA A 239 13.06 -2.13 7.68
N PHE A 240 12.09 -2.90 8.08
CA PHE A 240 10.90 -2.41 8.78
C PHE A 240 11.30 -1.66 10.06
N VAL A 241 12.10 -2.31 10.92
CA VAL A 241 12.53 -1.66 12.14
C VAL A 241 13.50 -0.52 11.88
N ALA A 242 14.29 -0.56 10.83
CA ALA A 242 15.20 0.50 10.58
C ALA A 242 14.44 1.80 10.31
N SER A 243 13.34 1.73 9.55
CA SER A 243 12.57 2.93 9.37
CA SER A 243 12.52 2.92 9.34
C SER A 243 11.89 3.41 10.66
N ALA A 244 11.43 2.48 11.45
CA ALA A 244 10.82 2.79 12.72
C ALA A 244 11.79 3.52 13.64
N ILE A 245 13.01 3.02 13.69
CA ILE A 245 14.07 3.66 14.56
C ILE A 245 14.43 5.04 14.04
N LYS A 246 14.70 5.14 12.74
CA LYS A 246 15.08 6.39 12.19
C LYS A 246 14.02 7.47 12.46
N ASN A 247 12.76 7.09 12.52
CA ASN A 247 11.65 8.00 12.71
C ASN A 247 11.06 7.99 14.13
N GLY A 248 11.83 7.47 15.07
CA GLY A 248 11.43 7.57 16.46
C GLY A 248 11.34 9.01 16.93
N TRP A 249 10.64 9.18 18.04
CA TRP A 249 10.33 10.52 18.51
C TRP A 249 10.45 10.61 20.04
N LYS A 250 10.68 11.82 20.56
CA LYS A 250 10.94 12.02 21.98
C LYS A 250 9.58 12.11 22.71
N MET A 251 9.35 11.18 23.62
CA MET A 251 8.13 11.20 24.41
C MET A 251 8.26 12.03 25.68
N ASN A 252 9.40 11.89 26.33
CA ASN A 252 9.73 12.65 27.51
C ASN A 252 11.24 12.62 27.67
N ASP A 253 11.75 13.12 28.81
CA ASP A 253 13.18 13.17 29.03
C ASP A 253 13.85 11.77 29.17
N PHE A 254 13.06 10.73 29.32
CA PHE A 254 13.51 9.43 29.63
C PHE A 254 13.40 8.42 28.49
N VAL A 255 12.51 8.64 27.53
CA VAL A 255 12.20 7.59 26.54
C VAL A 255 11.72 8.26 25.24
N GLY A 256 11.91 7.56 24.13
CA GLY A 256 11.28 7.89 22.88
C GLY A 256 11.03 6.62 22.11
N PRO A 257 9.81 6.41 21.68
CA PRO A 257 9.53 5.16 20.98
C PRO A 257 9.89 5.25 19.48
N VAL A 258 10.14 4.06 18.91
CA VAL A 258 10.18 3.91 17.48
C VAL A 258 8.78 4.23 16.88
N ASP A 259 8.77 4.65 15.62
CA ASP A 259 7.51 4.87 14.91
C ASP A 259 7.17 3.60 14.11
N HIS A 260 6.34 2.76 14.71
CA HIS A 260 6.07 1.43 14.19
C HIS A 260 5.55 1.45 12.74
N GLY A 261 4.84 2.50 12.39
CA GLY A 261 4.33 2.61 11.06
C GLY A 261 5.18 3.36 10.04
N ALA A 262 6.40 3.68 10.40
CA ALA A 262 7.28 4.45 9.54
C ALA A 262 7.62 3.80 8.19
N TYR A 263 7.75 2.48 8.18
CA TYR A 263 8.09 1.79 6.97
C TYR A 263 7.04 2.05 5.89
N ASN A 264 5.78 1.97 6.26
CA ASN A 264 4.72 2.13 5.33
C ASN A 264 4.38 3.57 5.06
N ARG A 265 4.50 4.44 6.03
CA ARG A 265 4.03 5.79 5.90
C ARG A 265 5.11 6.76 5.45
N ILE A 266 6.37 6.60 5.92
CA ILE A 266 7.40 7.58 5.75
C ILE A 266 8.39 7.19 4.67
N GLU A 267 9.14 6.14 4.93
CA GLU A 267 10.15 5.74 4.02
C GLU A 267 10.61 4.29 4.17
N HIS A 268 11.19 3.75 3.09
CA HIS A 268 11.75 2.39 3.03
C HIS A 268 13.29 2.54 3.02
N ILE A 269 13.94 1.73 3.83
CA ILE A 269 15.40 1.73 3.99
C ILE A 269 15.97 0.37 3.43
N ASP A 270 17.05 0.51 2.64
CA ASP A 270 17.76 -0.59 2.06
C ASP A 270 18.55 -1.33 3.14
N VAL A 271 18.54 -2.63 3.05
CA VAL A 271 19.37 -3.52 3.90
C VAL A 271 20.49 -4.13 3.07
N GLU A 272 21.76 -3.90 3.45
CA GLU A 272 22.88 -4.58 2.80
C GLU A 272 23.03 -5.99 3.34
N VAL A 273 23.20 -6.96 2.47
CA VAL A 273 23.37 -8.38 2.82
C VAL A 273 24.61 -8.93 2.23
N THR A 274 25.44 -9.54 3.05
CA THR A 274 26.70 -10.12 2.64
C THR A 274 26.93 -11.45 3.33
N GLU A 275 27.48 -12.45 2.64
CA GLU A 275 27.87 -13.69 3.34
C GLU A 275 29.21 -13.42 4.03
N VAL A 276 29.31 -13.99 5.22
CA VAL A 276 30.52 -13.83 6.05
C VAL A 276 30.95 -15.15 6.66
N GLY B 1 9.03 22.04 -30.61
CA GLY B 1 9.36 22.58 -29.29
C GLY B 1 9.39 21.41 -28.28
N ALA B 2 9.47 21.74 -26.99
CA ALA B 2 9.54 20.69 -25.99
C ALA B 2 8.26 19.87 -25.92
N LEU B 3 8.42 18.62 -25.58
CA LEU B 3 7.23 17.83 -25.30
C LEU B 3 6.42 18.44 -24.12
N LYS B 4 5.10 18.46 -24.32
CA LYS B 4 4.18 18.83 -23.27
C LYS B 4 4.12 17.66 -22.25
N LYS B 5 4.06 18.03 -20.96
CA LYS B 5 4.07 17.05 -19.86
C LYS B 5 2.60 16.88 -19.46
N VAL B 6 2.13 15.62 -19.61
CA VAL B 6 0.71 15.29 -19.45
C VAL B 6 0.60 14.21 -18.37
N LEU B 7 -0.04 14.54 -17.25
CA LEU B 7 -0.21 13.61 -16.12
C LEU B 7 -1.61 13.04 -16.13
N THR B 8 -1.70 11.76 -15.97
CA THR B 8 -2.92 11.08 -15.59
C THR B 8 -2.93 10.65 -14.11
N ILE B 9 -4.02 10.84 -13.43
CA ILE B 9 -4.27 10.30 -12.09
C ILE B 9 -5.28 9.16 -12.30
N ALA B 10 -4.82 7.89 -12.17
CA ALA B 10 -5.60 6.75 -12.60
C ALA B 10 -4.99 5.48 -12.05
N GLY B 11 -5.75 4.38 -12.15
CA GLY B 11 -5.33 3.05 -11.73
C GLY B 11 -4.66 2.31 -12.84
N SER B 12 -4.01 1.22 -12.50
CA SER B 12 -3.46 0.28 -13.48
C SER B 12 -4.49 -0.80 -13.86
N ASP B 13 -4.78 -0.88 -15.15
CA ASP B 13 -5.60 -1.92 -15.71
C ASP B 13 -4.66 -2.97 -16.20
N THR B 14 -4.53 -4.09 -15.47
CA THR B 14 -3.49 -5.03 -15.82
C THR B 14 -3.67 -5.53 -17.25
N SER B 15 -4.92 -5.67 -17.73
CA SER B 15 -5.16 -6.09 -19.10
C SER B 15 -4.70 -5.10 -20.17
N ALA B 16 -4.42 -3.86 -19.76
CA ALA B 16 -3.64 -2.84 -20.45
C ALA B 16 -4.39 -2.16 -21.57
N GLY B 17 -5.74 -2.25 -21.53
CA GLY B 17 -6.56 -1.60 -22.54
C GLY B 17 -7.13 -0.24 -22.07
N ALA B 18 -7.46 -0.18 -20.77
CA ALA B 18 -8.00 1.03 -20.16
C ALA B 18 -7.03 1.53 -19.08
N GLY B 19 -7.53 2.26 -18.09
CA GLY B 19 -6.69 2.73 -17.04
C GLY B 19 -5.55 3.63 -17.47
N MET B 20 -4.47 3.66 -16.65
CA MET B 20 -3.36 4.47 -16.97
C MET B 20 -2.64 3.97 -18.22
N GLN B 21 -2.78 2.67 -18.52
CA GLN B 21 -2.19 2.10 -19.73
C GLN B 21 -2.74 2.78 -20.97
N ALA B 22 -4.06 2.90 -21.02
CA ALA B 22 -4.69 3.61 -22.14
C ALA B 22 -4.18 5.06 -22.22
N ASP B 23 -4.08 5.69 -21.07
CA ASP B 23 -3.64 7.04 -20.98
C ASP B 23 -2.22 7.22 -21.49
N LEU B 24 -1.29 6.45 -20.93
CA LEU B 24 0.08 6.61 -21.40
C LEU B 24 0.29 6.28 -22.86
N LYS B 25 -0.42 5.26 -23.32
CA LYS B 25 -0.27 4.86 -24.74
C LYS B 25 -0.79 5.99 -25.64
N THR B 26 -1.94 6.56 -25.26
CA THR B 26 -2.54 7.66 -26.03
C THR B 26 -1.67 8.94 -26.02
N PHE B 27 -1.16 9.31 -24.83
CA PHE B 27 -0.23 10.40 -24.69
C PHE B 27 0.98 10.21 -25.63
N GLN B 28 1.50 9.01 -25.68
CA GLN B 28 2.66 8.70 -26.53
C GLN B 28 2.31 8.82 -28.02
N GLU B 29 1.16 8.27 -28.39
CA GLU B 29 0.68 8.41 -29.79
C GLU B 29 0.55 9.85 -30.24
N LEU B 30 0.21 10.77 -29.33
CA LEU B 30 0.00 12.12 -29.62
C LEU B 30 1.18 13.01 -29.23
N ASP B 31 2.38 12.40 -29.15
CA ASP B 31 3.57 13.16 -29.03
C ASP B 31 3.61 14.14 -27.87
N THR B 32 3.27 13.60 -26.72
CA THR B 32 3.42 14.24 -25.44
C THR B 32 4.20 13.33 -24.53
N TYR B 33 4.60 13.92 -23.41
CA TYR B 33 5.41 13.18 -22.38
C TYR B 33 4.40 12.73 -21.30
N GLY B 34 4.01 11.47 -21.33
CA GLY B 34 3.02 10.93 -20.36
C GLY B 34 3.60 10.58 -19.01
N MET B 35 2.81 10.90 -18.01
CA MET B 35 3.13 10.59 -16.61
CA MET B 35 3.14 10.60 -16.60
C MET B 35 1.91 10.06 -15.88
N VAL B 36 2.14 9.27 -14.86
CA VAL B 36 1.02 8.76 -14.09
C VAL B 36 1.27 8.84 -12.57
N ALA B 37 0.20 9.18 -11.85
CA ALA B 37 0.14 8.97 -10.41
C ALA B 37 -0.89 7.88 -10.16
N LEU B 38 -0.42 6.70 -9.78
CA LEU B 38 -1.22 5.47 -9.66
C LEU B 38 -2.03 5.43 -8.37
N THR B 39 -3.30 5.06 -8.55
CA THR B 39 -4.26 5.02 -7.44
C THR B 39 -4.61 3.62 -6.93
N ALA B 40 -4.47 2.64 -7.78
CA ALA B 40 -4.99 1.31 -7.55
C ALA B 40 -4.42 0.40 -8.63
N ILE B 41 -4.63 -0.90 -8.44
CA ILE B 41 -4.28 -1.94 -9.37
C ILE B 41 -5.48 -2.83 -9.55
N VAL B 42 -5.92 -2.97 -10.81
CA VAL B 42 -7.04 -3.85 -11.15
C VAL B 42 -6.50 -5.10 -11.84
N THR B 43 -6.89 -6.27 -11.35
CA THR B 43 -6.57 -7.55 -11.91
C THR B 43 -7.84 -8.30 -12.25
N MET B 44 -7.65 -9.35 -13.03
CA MET B 44 -8.75 -10.18 -13.51
C MET B 44 -8.47 -11.67 -13.36
N ASP B 45 -9.44 -12.42 -12.87
CA ASP B 45 -9.34 -13.87 -12.68
C ASP B 45 -9.22 -14.54 -14.05
N LYS B 46 -8.22 -15.44 -14.17
CA LYS B 46 -7.95 -16.04 -15.47
C LYS B 46 -9.14 -16.83 -16.05
N ASP B 47 -10.00 -17.37 -15.19
CA ASP B 47 -11.13 -18.25 -15.62
C ASP B 47 -12.44 -17.47 -15.79
N THR B 48 -12.73 -16.54 -14.88
CA THR B 48 -14.01 -15.84 -14.85
C THR B 48 -13.91 -14.38 -15.28
N TRP B 49 -12.68 -13.83 -15.36
CA TRP B 49 -12.52 -12.42 -15.62
C TRP B 49 -13.13 -11.48 -14.57
N SER B 50 -13.49 -12.02 -13.41
CA SER B 50 -13.92 -11.18 -12.31
C SER B 50 -12.79 -10.22 -11.94
N HIS B 51 -13.12 -8.95 -11.85
CA HIS B 51 -12.21 -7.90 -11.46
C HIS B 51 -11.91 -7.91 -9.95
N ASP B 52 -10.64 -7.66 -9.62
CA ASP B 52 -10.23 -7.38 -8.27
C ASP B 52 -9.53 -6.04 -8.25
N VAL B 53 -10.06 -5.10 -7.50
CA VAL B 53 -9.47 -3.74 -7.40
C VAL B 53 -8.68 -3.74 -6.08
N THR B 54 -7.37 -3.53 -6.19
CA THR B 54 -6.53 -3.39 -4.99
C THR B 54 -6.12 -1.87 -4.89
N PRO B 55 -6.60 -1.19 -3.88
CA PRO B 55 -6.18 0.20 -3.70
C PRO B 55 -4.70 0.26 -3.31
N LEU B 56 -4.04 1.29 -3.78
CA LEU B 56 -2.74 1.59 -3.26
C LEU B 56 -2.87 2.49 -2.05
N PRO B 57 -1.87 2.40 -1.16
CA PRO B 57 -1.98 3.22 0.03
C PRO B 57 -1.85 4.68 -0.23
N MET B 58 -2.62 5.48 0.53
CA MET B 58 -2.57 6.91 0.36
C MET B 58 -1.17 7.47 0.47
N ASP B 59 -0.33 6.85 1.29
CA ASP B 59 1.04 7.39 1.48
C ASP B 59 1.80 7.37 0.15
N VAL B 60 1.63 6.32 -0.64
CA VAL B 60 2.36 6.23 -1.90
C VAL B 60 1.66 7.04 -2.98
N PHE B 61 0.33 7.17 -2.89
CA PHE B 61 -0.35 8.09 -3.79
C PHE B 61 0.18 9.52 -3.63
N GLU B 62 0.31 9.97 -2.36
CA GLU B 62 0.80 11.31 -2.11
C GLU B 62 2.26 11.50 -2.52
N LYS B 63 3.09 10.49 -2.27
CA LYS B 63 4.47 10.57 -2.74
C LYS B 63 4.58 10.74 -4.27
N GLN B 64 3.73 10.02 -4.98
CA GLN B 64 3.75 10.14 -6.42
C GLN B 64 3.33 11.56 -6.88
N LEU B 65 2.27 12.06 -6.23
CA LEU B 65 1.80 13.41 -6.54
C LEU B 65 2.88 14.46 -6.29
N GLU B 66 3.63 14.30 -5.19
CA GLU B 66 4.67 15.24 -4.90
C GLU B 66 5.70 15.26 -6.06
N THR B 67 6.14 14.08 -6.51
CA THR B 67 7.08 14.03 -7.65
C THR B 67 6.49 14.67 -8.89
N ALA B 68 5.23 14.31 -9.18
CA ALA B 68 4.59 14.75 -10.44
C ALA B 68 4.46 16.30 -10.41
N LEU B 69 4.00 16.84 -9.28
CA LEU B 69 3.84 18.28 -9.12
C LEU B 69 5.20 18.98 -9.27
N SER B 70 6.27 18.36 -8.74
CA SER B 70 7.59 18.96 -8.84
C SER B 70 8.02 19.09 -10.31
N ILE B 71 7.76 18.05 -11.10
CA ILE B 71 8.10 18.03 -12.46
C ILE B 71 7.35 19.13 -13.24
N GLY B 72 6.08 19.29 -12.94
CA GLY B 72 5.26 20.37 -13.44
C GLY B 72 4.48 20.04 -14.68
N PRO B 73 3.34 19.39 -14.53
CA PRO B 73 2.51 19.04 -15.72
C PRO B 73 1.97 20.26 -16.42
N ASP B 74 1.90 20.18 -17.72
CA ASP B 74 1.22 21.15 -18.58
C ASP B 74 -0.29 20.87 -18.69
N ALA B 75 -0.71 19.62 -18.42
CA ALA B 75 -2.11 19.20 -18.46
C ALA B 75 -2.26 18.03 -17.53
N ILE B 76 -3.45 17.87 -16.96
CA ILE B 76 -3.74 16.77 -16.11
C ILE B 76 -5.09 16.20 -16.50
N LYS B 77 -5.18 14.87 -16.55
CA LYS B 77 -6.41 14.13 -16.76
C LYS B 77 -6.66 13.28 -15.53
N THR B 78 -7.94 13.10 -15.15
CA THR B 78 -8.37 12.15 -14.15
C THR B 78 -9.11 11.03 -14.84
N GLY B 79 -8.73 9.82 -14.49
CA GLY B 79 -9.42 8.63 -14.82
C GLY B 79 -10.35 8.20 -13.73
N MET B 80 -10.74 6.92 -13.75
CA MET B 80 -11.62 6.45 -12.69
C MET B 80 -10.93 6.57 -11.34
N LEU B 81 -11.58 7.27 -10.43
CA LEU B 81 -11.02 7.60 -9.09
C LEU B 81 -12.04 6.95 -8.10
N GLY B 82 -11.52 6.14 -7.20
CA GLY B 82 -12.34 5.23 -6.40
C GLY B 82 -12.91 5.80 -5.12
N THR B 83 -12.32 6.89 -4.65
CA THR B 83 -12.66 7.40 -3.34
C THR B 83 -12.84 8.90 -3.34
N GLU B 84 -13.61 9.37 -2.41
CA GLU B 84 -13.85 10.80 -2.27
C GLU B 84 -12.56 11.55 -1.96
N GLU B 85 -11.69 10.90 -1.15
CA GLU B 85 -10.45 11.52 -0.77
C GLU B 85 -9.58 11.74 -1.99
N ILE B 86 -9.53 10.78 -2.88
CA ILE B 86 -8.68 10.88 -4.12
C ILE B 86 -9.28 11.91 -5.06
N ILE B 87 -10.61 11.94 -5.18
CA ILE B 87 -11.30 12.93 -6.00
C ILE B 87 -10.90 14.36 -5.54
N LYS B 88 -10.98 14.59 -4.23
CA LYS B 88 -10.68 15.89 -3.66
CA LYS B 88 -10.67 15.90 -3.66
C LYS B 88 -9.21 16.27 -3.93
N ARG B 89 -8.31 15.29 -3.71
CA ARG B 89 -6.88 15.53 -3.90
C ARG B 89 -6.56 15.86 -5.37
N ALA B 90 -7.24 15.16 -6.29
CA ALA B 90 -6.98 15.38 -7.71
C ALA B 90 -7.26 16.86 -8.09
N GLY B 91 -8.40 17.40 -7.63
CA GLY B 91 -8.68 18.81 -7.83
C GLY B 91 -7.65 19.72 -7.28
N GLU B 92 -7.24 19.40 -6.05
CA GLU B 92 -6.28 20.22 -5.33
C GLU B 92 -4.94 20.24 -6.04
N VAL B 93 -4.48 19.09 -6.50
CA VAL B 93 -3.22 19.01 -7.23
CA VAL B 93 -3.18 19.10 -7.14
C VAL B 93 -3.26 19.83 -8.50
N TYR B 94 -4.38 19.74 -9.23
CA TYR B 94 -4.45 20.58 -10.42
C TYR B 94 -4.32 22.06 -10.09
N GLU B 95 -5.10 22.48 -9.09
CA GLU B 95 -5.10 23.90 -8.68
C GLU B 95 -3.69 24.34 -8.20
N ALA B 96 -2.95 23.46 -7.52
CA ALA B 96 -1.61 23.76 -7.04
C ALA B 96 -0.54 23.79 -8.13
N SER B 97 -0.80 23.12 -9.24
CA SER B 97 0.14 23.03 -10.32
C SER B 97 0.03 24.27 -11.16
N ASN B 98 0.90 24.40 -12.14
CA ASN B 98 0.79 25.44 -13.20
C ASN B 98 0.17 24.91 -14.47
N ALA B 99 -0.48 23.75 -14.34
CA ALA B 99 -1.13 23.17 -15.51
C ALA B 99 -2.25 24.09 -16.01
N GLN B 100 -2.40 24.20 -17.35
CA GLN B 100 -3.38 25.05 -17.98
C GLN B 100 -4.66 24.30 -18.36
N TYR B 101 -4.64 22.95 -18.30
CA TYR B 101 -5.76 22.11 -18.75
C TYR B 101 -6.02 21.00 -17.75
N PHE B 102 -7.28 20.83 -17.44
CA PHE B 102 -7.75 19.78 -16.52
C PHE B 102 -8.93 19.06 -17.22
N VAL B 103 -8.72 17.80 -17.58
CA VAL B 103 -9.75 16.95 -18.23
C VAL B 103 -10.20 15.86 -17.26
N VAL B 104 -11.49 15.90 -16.97
CA VAL B 104 -12.08 15.01 -16.05
C VAL B 104 -12.96 13.98 -16.73
N ASP B 105 -12.57 12.73 -16.69
CA ASP B 105 -13.42 11.62 -17.15
C ASP B 105 -14.16 11.05 -15.95
N PRO B 106 -15.47 11.38 -15.81
CA PRO B 106 -16.19 11.18 -14.53
C PRO B 106 -16.72 9.77 -14.40
N VAL B 107 -15.82 8.81 -14.38
CA VAL B 107 -16.19 7.38 -14.49
C VAL B 107 -16.98 6.98 -13.24
N MET B 108 -18.11 6.32 -13.48
CA MET B 108 -18.96 5.72 -12.47
C MET B 108 -19.29 4.26 -12.81
N VAL B 109 -19.65 3.45 -11.80
CA VAL B 109 -20.15 2.09 -12.05
C VAL B 109 -21.65 2.07 -11.76
N CYS B 110 -22.51 1.61 -12.72
CA CYS B 110 -23.98 1.48 -12.54
C CYS B 110 -24.16 0.17 -11.76
N LYS B 111 -24.88 0.34 -10.64
CA LYS B 111 -25.41 -0.71 -9.75
C LYS B 111 -26.57 -1.52 -10.40
N GLY B 112 -27.28 -0.88 -11.33
CA GLY B 112 -28.37 -1.54 -12.08
C GLY B 112 -29.63 -0.71 -12.07
N GLU B 113 -30.47 -0.85 -13.11
CA GLU B 113 -31.67 0.04 -13.25
C GLU B 113 -31.42 1.55 -12.90
N ASP B 114 -30.54 2.20 -13.66
CA ASP B 114 -30.15 3.63 -13.46
C ASP B 114 -29.66 4.00 -12.02
N GLU B 115 -29.25 3.01 -11.19
CA GLU B 115 -28.67 3.31 -9.86
C GLU B 115 -27.13 3.32 -9.96
N VAL B 116 -26.52 4.27 -9.28
CA VAL B 116 -25.09 4.33 -9.23
C VAL B 116 -24.51 3.58 -7.99
N LEU B 117 -23.31 3.00 -8.16
CA LEU B 117 -22.49 2.60 -7.04
C LEU B 117 -21.69 3.85 -6.59
N ASN B 118 -21.61 4.01 -5.28
CA ASN B 118 -20.98 5.17 -4.65
C ASN B 118 -21.49 6.54 -5.10
N PRO B 119 -22.78 6.86 -4.80
CA PRO B 119 -23.30 8.18 -5.16
C PRO B 119 -22.52 9.33 -4.50
N GLY B 120 -21.89 9.05 -3.36
CA GLY B 120 -21.00 10.05 -2.79
C GLY B 120 -19.81 10.46 -3.66
N ASN B 121 -19.34 9.58 -4.51
CA ASN B 121 -18.28 9.93 -5.40
C ASN B 121 -18.77 10.89 -6.50
N THR B 122 -20.05 10.76 -6.90
CA THR B 122 -20.63 11.74 -7.85
C THR B 122 -20.67 13.10 -7.20
N GLU B 123 -21.12 13.11 -5.95
CA GLU B 123 -21.17 14.39 -5.22
C GLU B 123 -19.80 15.02 -5.07
N ALA B 124 -18.79 14.19 -4.85
CA ALA B 124 -17.42 14.70 -4.78
C ALA B 124 -16.91 15.23 -6.07
N MET B 125 -17.28 14.58 -7.17
CA MET B 125 -16.89 15.11 -8.47
C MET B 125 -17.52 16.48 -8.69
N ILE B 126 -18.80 16.62 -8.33
CA ILE B 126 -19.52 17.89 -8.49
C ILE B 126 -18.91 18.98 -7.63
N LYS B 127 -18.54 18.64 -6.42
CA LYS B 127 -17.95 19.64 -5.52
C LYS B 127 -16.53 20.01 -5.91
N TYR B 128 -15.70 19.00 -6.25
CA TYR B 128 -14.27 19.20 -6.35
C TYR B 128 -13.68 19.25 -7.75
N LEU B 129 -14.31 18.59 -8.70
CA LEU B 129 -13.72 18.46 -10.04
C LEU B 129 -14.39 19.35 -11.04
N LEU B 130 -15.73 19.31 -11.03
CA LEU B 130 -16.47 20.10 -12.08
C LEU B 130 -16.08 21.56 -12.11
N PRO B 131 -15.95 22.16 -10.94
CA PRO B 131 -15.66 23.59 -10.98
C PRO B 131 -14.28 23.95 -11.47
N LYS B 132 -13.42 22.94 -11.58
CA LYS B 132 -12.04 23.13 -12.07
C LYS B 132 -11.79 22.62 -13.49
N ALA B 133 -12.75 21.90 -14.07
CA ALA B 133 -12.53 21.16 -15.30
C ALA B 133 -12.53 22.05 -16.51
N THR B 134 -11.52 21.89 -17.33
CA THR B 134 -11.50 22.47 -18.68
C THR B 134 -12.54 21.76 -19.53
N VAL B 135 -12.52 20.46 -19.51
CA VAL B 135 -13.47 19.57 -20.21
C VAL B 135 -13.84 18.45 -19.24
N VAL B 136 -15.13 18.13 -19.20
CA VAL B 136 -15.57 16.92 -18.52
C VAL B 136 -16.23 16.06 -19.60
N THR B 137 -16.01 14.73 -19.50
CA THR B 137 -16.32 13.80 -20.57
C THR B 137 -17.23 12.62 -20.18
N PRO B 138 -18.40 12.89 -19.60
CA PRO B 138 -19.31 11.78 -19.23
C PRO B 138 -19.85 11.00 -20.33
N ASN B 139 -20.03 9.70 -20.11
CA ASN B 139 -20.95 8.91 -20.96
C ASN B 139 -22.41 9.26 -20.60
N LEU B 140 -23.38 8.66 -21.28
CA LEU B 140 -24.76 9.06 -21.15
C LEU B 140 -25.23 8.86 -19.70
N PHE B 141 -24.86 7.72 -19.13
CA PHE B 141 -25.21 7.40 -17.75
C PHE B 141 -24.64 8.41 -16.77
N GLU B 142 -23.35 8.68 -16.87
CA GLU B 142 -22.66 9.62 -15.98
C GLU B 142 -23.24 11.00 -16.14
N ALA B 143 -23.62 11.43 -17.36
CA ALA B 143 -24.17 12.74 -17.53
C ALA B 143 -25.53 12.88 -16.82
N GLY B 144 -26.33 11.80 -16.76
CA GLY B 144 -27.57 11.88 -16.10
C GLY B 144 -27.35 11.96 -14.61
N GLN B 145 -26.31 11.27 -14.09
CA GLN B 145 -25.99 11.36 -12.68
C GLN B 145 -25.40 12.74 -12.28
N LEU B 146 -24.49 13.30 -13.08
CA LEU B 146 -23.87 14.59 -12.74
C LEU B 146 -24.90 15.73 -12.76
N SER B 147 -25.91 15.59 -13.65
CA SER B 147 -26.94 16.60 -13.83
C SER B 147 -28.16 16.46 -12.95
N GLY B 148 -28.27 15.31 -12.30
CA GLY B 148 -29.39 15.03 -11.48
C GLY B 148 -30.65 14.68 -12.26
N LEU B 149 -30.53 14.48 -13.59
CA LEU B 149 -31.67 14.19 -14.49
C LEU B 149 -32.04 12.75 -14.57
N GLY B 150 -31.15 11.88 -14.13
CA GLY B 150 -31.37 10.45 -14.31
C GLY B 150 -31.23 10.06 -15.77
N LYS B 151 -31.92 9.01 -16.17
CA LYS B 151 -31.75 8.47 -17.53
C LYS B 151 -32.04 9.51 -18.63
N LEU B 152 -31.07 9.68 -19.50
CA LEU B 152 -31.19 10.54 -20.67
C LEU B 152 -31.44 9.64 -21.87
N ASN B 153 -32.29 10.10 -22.79
CA ASN B 153 -32.78 9.25 -23.91
CA ASN B 153 -32.72 9.22 -23.91
C ASN B 153 -32.73 9.90 -25.26
N SER B 154 -32.21 11.14 -25.33
CA SER B 154 -32.25 11.92 -26.56
C SER B 154 -31.19 12.99 -26.53
N ILE B 155 -30.95 13.60 -27.70
CA ILE B 155 -30.10 14.77 -27.82
C ILE B 155 -30.65 15.92 -26.98
N GLU B 156 -31.96 16.09 -26.98
CA GLU B 156 -32.56 17.16 -26.18
C GLU B 156 -32.28 16.98 -24.72
N ASP B 157 -32.40 15.75 -24.26
CA ASP B 157 -32.04 15.44 -22.84
C ASP B 157 -30.54 15.73 -22.56
N MET B 158 -29.67 15.41 -23.54
CA MET B 158 -28.24 15.64 -23.40
C MET B 158 -27.98 17.14 -23.35
N LYS B 159 -28.75 17.97 -24.10
CA LYS B 159 -28.59 19.41 -24.02
C LYS B 159 -28.91 19.88 -22.59
N LYS B 160 -29.98 19.37 -22.02
CA LYS B 160 -30.38 19.76 -20.66
C LYS B 160 -29.27 19.39 -19.69
N ALA B 161 -28.77 18.14 -19.83
CA ALA B 161 -27.66 17.70 -18.95
C ALA B 161 -26.41 18.54 -19.07
N ALA B 162 -26.04 18.88 -20.31
CA ALA B 162 -24.85 19.66 -20.57
C ALA B 162 -24.94 21.03 -19.97
N THR B 163 -26.14 21.66 -20.07
CA THR B 163 -26.42 22.91 -19.42
C THR B 163 -26.15 22.91 -17.95
N ILE B 164 -26.71 21.93 -17.31
CA ILE B 164 -26.61 21.74 -15.90
C ILE B 164 -25.16 21.50 -15.46
N ILE B 165 -24.45 20.63 -16.19
CA ILE B 165 -23.08 20.39 -15.88
C ILE B 165 -22.21 21.64 -16.03
N PHE B 166 -22.43 22.39 -17.12
CA PHE B 166 -21.76 23.66 -17.32
C PHE B 166 -22.03 24.62 -16.16
N ASP B 167 -23.28 24.68 -15.69
CA ASP B 167 -23.67 25.52 -14.59
C ASP B 167 -22.97 25.15 -13.27
N LYS B 168 -22.62 23.89 -13.15
CA LYS B 168 -21.89 23.38 -11.99
C LYS B 168 -20.36 23.74 -12.05
N GLY B 169 -19.92 24.39 -13.13
CA GLY B 169 -18.63 25.02 -13.28
C GLY B 169 -17.70 24.47 -14.37
N ALA B 170 -18.06 23.38 -15.01
CA ALA B 170 -17.22 22.89 -16.08
C ALA B 170 -17.20 23.83 -17.25
N GLN B 171 -16.04 24.12 -17.81
CA GLN B 171 -15.95 25.08 -18.90
C GLN B 171 -16.46 24.55 -20.24
N HIS B 172 -16.31 23.23 -20.42
CA HIS B 172 -16.75 22.54 -21.65
C HIS B 172 -17.23 21.17 -21.20
N VAL B 173 -18.28 20.73 -21.88
CA VAL B 173 -18.91 19.50 -21.59
C VAL B 173 -19.09 18.70 -22.87
N ILE B 174 -18.62 17.44 -22.87
CA ILE B 174 -18.96 16.54 -23.98
C ILE B 174 -19.61 15.29 -23.39
N ILE B 175 -20.85 15.03 -23.80
CA ILE B 175 -21.57 13.86 -23.39
C ILE B 175 -21.49 12.88 -24.49
N LYS B 176 -20.98 11.70 -24.17
CA LYS B 176 -20.89 10.64 -25.15
C LYS B 176 -22.18 9.81 -25.15
N GLY B 177 -22.94 9.80 -26.24
CA GLY B 177 -24.13 8.96 -26.24
C GLY B 177 -23.90 7.47 -26.23
N GLY B 178 -22.94 7.06 -27.08
CA GLY B 178 -22.52 5.67 -27.15
C GLY B 178 -23.64 4.76 -27.61
N LYS B 179 -23.42 3.48 -27.43
CA LYS B 179 -24.41 2.52 -27.78
C LYS B 179 -25.64 2.63 -26.88
N ALA B 180 -25.52 3.25 -25.73
CA ALA B 180 -26.70 3.43 -24.86
C ALA B 180 -27.76 4.31 -25.52
N LEU B 181 -27.31 5.33 -26.25
CA LEU B 181 -28.20 6.26 -26.91
C LEU B 181 -28.72 5.65 -28.23
N ASP B 182 -27.83 5.12 -29.07
CA ASP B 182 -28.18 4.66 -30.38
C ASP B 182 -27.19 3.56 -30.74
N GLN B 183 -27.71 2.42 -31.19
CA GLN B 183 -26.85 1.29 -31.44
C GLN B 183 -26.32 1.24 -32.86
N ASP B 184 -26.63 2.23 -33.68
CA ASP B 184 -26.19 2.21 -35.09
C ASP B 184 -25.37 3.40 -35.50
N LYS B 185 -25.43 4.45 -34.69
CA LYS B 185 -24.63 5.65 -34.97
C LYS B 185 -24.19 6.31 -33.64
N SER B 186 -22.94 6.79 -33.60
CA SER B 186 -22.38 7.36 -32.40
C SER B 186 -22.56 8.88 -32.33
N TYR B 187 -23.37 9.36 -31.38
CA TYR B 187 -23.71 10.75 -31.28
C TYR B 187 -23.14 11.25 -29.92
N ASP B 188 -22.41 12.35 -29.99
CA ASP B 188 -21.93 13.07 -28.86
C ASP B 188 -22.43 14.49 -28.90
N LEU B 189 -22.67 15.07 -27.71
CA LEU B 189 -23.19 16.44 -27.59
C LEU B 189 -22.13 17.23 -26.82
N TYR B 190 -21.51 18.20 -27.52
CA TYR B 190 -20.55 19.13 -26.96
C TYR B 190 -21.18 20.48 -26.69
N TYR B 191 -20.86 21.07 -25.54
CA TYR B 191 -21.34 22.39 -25.15
C TYR B 191 -20.28 23.23 -24.48
N ASP B 192 -20.22 24.50 -24.87
CA ASP B 192 -19.28 25.47 -24.39
C ASP B 192 -19.92 26.64 -23.64
N GLY B 193 -21.17 26.48 -23.24
CA GLY B 193 -21.91 27.56 -22.60
C GLY B 193 -22.64 28.49 -23.55
N GLN B 194 -22.39 28.33 -24.84
CA GLN B 194 -22.95 29.23 -25.86
C GLN B 194 -23.65 28.47 -26.99
N THR B 195 -23.01 27.40 -27.48
CA THR B 195 -23.47 26.65 -28.65
C THR B 195 -23.42 25.16 -28.33
N PHE B 196 -24.46 24.43 -28.76
CA PHE B 196 -24.52 22.99 -28.71
C PHE B 196 -24.13 22.42 -30.05
N TYR B 197 -23.14 21.55 -30.03
CA TYR B 197 -22.65 20.87 -31.21
C TYR B 197 -22.86 19.35 -31.10
N GLN B 198 -23.41 18.75 -32.12
CA GLN B 198 -23.54 17.31 -32.24
C GLN B 198 -22.43 16.78 -33.08
N LEU B 199 -21.73 15.77 -32.56
CA LEU B 199 -20.60 15.12 -33.24
C LEU B 199 -21.04 13.69 -33.53
N THR B 200 -20.87 13.22 -34.77
CA THR B 200 -21.20 11.87 -35.12
C THR B 200 -20.14 11.17 -35.94
N THR B 201 -20.06 9.83 -35.68
CA THR B 201 -19.44 8.84 -36.57
C THR B 201 -20.34 7.62 -36.66
N ASP B 202 -20.02 6.70 -37.55
CA ASP B 202 -20.63 5.35 -37.50
C ASP B 202 -20.39 4.76 -36.14
N MET B 203 -21.29 3.87 -35.74
CA MET B 203 -21.17 3.01 -34.56
C MET B 203 -20.44 1.85 -35.13
N PHE B 204 -19.24 1.73 -34.66
CA PHE B 204 -18.39 0.61 -35.06
C PHE B 204 -18.67 -0.65 -34.21
N GLN B 205 -17.90 -1.73 -34.44
CA GLN B 205 -18.09 -2.95 -33.69
C GLN B 205 -18.10 -2.63 -32.19
N GLN B 206 -18.97 -3.36 -31.48
CA GLN B 206 -19.27 -3.06 -30.07
C GLN B 206 -18.77 -4.19 -29.19
N SER B 207 -18.07 -5.20 -29.78
CA SER B 207 -17.59 -6.30 -28.94
C SER B 207 -16.34 -6.00 -28.18
N TYR B 208 -15.43 -5.19 -28.78
CA TYR B 208 -14.07 -4.92 -28.26
C TYR B 208 -13.85 -3.38 -28.13
N ASN B 209 -14.43 -2.81 -27.08
CA ASN B 209 -14.43 -1.35 -26.84
C ASN B 209 -13.75 -0.98 -25.46
N HIS B 210 -12.97 -1.87 -24.94
CA HIS B 210 -12.42 -1.71 -23.62
C HIS B 210 -11.28 -0.66 -23.75
N GLY B 211 -11.37 0.35 -22.93
CA GLY B 211 -10.50 1.49 -22.92
C GLY B 211 -10.95 2.65 -23.80
N ALA B 212 -12.10 2.54 -24.45
CA ALA B 212 -12.51 3.58 -25.35
C ALA B 212 -12.69 4.93 -24.62
N GLY B 213 -13.38 4.88 -23.46
CA GLY B 213 -13.63 6.12 -22.74
C GLY B 213 -12.35 6.76 -22.22
N CYS B 214 -11.46 5.91 -21.70
CA CYS B 214 -10.16 6.44 -21.18
C CYS B 214 -9.40 7.08 -22.31
N THR B 215 -9.41 6.38 -23.48
CA THR B 215 -8.66 6.86 -24.61
C THR B 215 -9.17 8.20 -25.15
N PHE B 216 -10.49 8.35 -25.21
CA PHE B 216 -11.10 9.64 -25.64
C PHE B 216 -10.69 10.79 -24.75
N ALA B 217 -10.74 10.54 -23.42
CA ALA B 217 -10.38 11.61 -22.48
C ALA B 217 -8.86 11.89 -22.52
N ALA B 218 -8.02 10.86 -22.63
CA ALA B 218 -6.59 11.04 -22.80
C ALA B 218 -6.23 11.81 -24.06
N ALA B 219 -6.93 11.48 -25.15
CA ALA B 219 -6.64 12.16 -26.42
C ALA B 219 -7.00 13.62 -26.30
N THR B 220 -8.17 13.90 -25.72
CA THR B 220 -8.65 15.33 -25.53
C THR B 220 -7.58 16.11 -24.78
N THR B 221 -7.00 15.51 -23.70
CA THR B 221 -5.97 16.11 -22.88
C THR B 221 -4.73 16.44 -23.70
N ALA B 222 -4.28 15.48 -24.47
CA ALA B 222 -3.06 15.65 -25.29
C ALA B 222 -3.27 16.70 -26.40
N TYR B 223 -4.44 16.70 -26.99
CA TYR B 223 -4.75 17.68 -28.05
C TYR B 223 -4.78 19.09 -27.51
N LEU B 224 -5.40 19.27 -26.34
CA LEU B 224 -5.36 20.54 -25.61
C LEU B 224 -3.94 20.99 -25.30
N ALA B 225 -3.14 20.09 -24.78
CA ALA B 225 -1.77 20.43 -24.39
C ALA B 225 -1.01 20.88 -25.61
N ASN B 226 -1.25 20.25 -26.74
CA ASN B 226 -0.48 20.57 -27.94
C ASN B 226 -1.08 21.76 -28.72
N GLY B 227 -2.09 22.42 -28.17
CA GLY B 227 -2.51 23.75 -28.66
C GLY B 227 -3.87 23.83 -29.38
N LYS B 228 -4.62 22.73 -29.47
CA LYS B 228 -5.99 22.79 -29.99
C LYS B 228 -6.96 23.42 -28.99
N SER B 229 -7.95 24.19 -29.52
CA SER B 229 -9.00 24.71 -28.67
C SER B 229 -9.83 23.56 -28.16
N PRO B 230 -10.58 23.80 -27.09
CA PRO B 230 -11.37 22.70 -26.59
C PRO B 230 -12.30 22.05 -27.63
N LYS B 231 -13.00 22.83 -28.45
CA LYS B 231 -13.83 22.29 -29.50
C LYS B 231 -12.99 21.43 -30.46
N GLU B 232 -11.89 21.99 -30.96
CA GLU B 232 -11.03 21.25 -31.87
C GLU B 232 -10.50 19.94 -31.17
N ALA B 233 -10.12 20.04 -29.92
CA ALA B 233 -9.57 18.88 -29.21
C ALA B 233 -10.60 17.73 -29.06
N VAL B 234 -11.86 18.07 -28.70
CA VAL B 234 -12.85 17.02 -28.60
C VAL B 234 -13.17 16.39 -29.96
N ILE B 235 -13.25 17.21 -31.00
CA ILE B 235 -13.49 16.65 -32.30
C ILE B 235 -12.34 15.75 -32.73
N SER B 236 -11.10 16.22 -32.54
CA SER B 236 -9.95 15.44 -32.89
C SER B 236 -9.91 14.13 -32.06
N ALA B 237 -10.23 14.24 -30.78
CA ALA B 237 -10.24 13.07 -29.92
C ALA B 237 -11.29 12.07 -30.34
N LYS B 238 -12.45 12.57 -30.79
CA LYS B 238 -13.49 11.63 -31.23
C LYS B 238 -12.98 10.82 -32.45
N ALA B 239 -12.33 11.51 -33.37
CA ALA B 239 -11.80 10.79 -34.52
C ALA B 239 -10.74 9.78 -34.10
N PHE B 240 -9.86 10.20 -33.20
CA PHE B 240 -8.81 9.38 -32.70
C PHE B 240 -9.35 8.07 -32.09
N VAL B 241 -10.34 8.18 -31.18
CA VAL B 241 -10.92 7.03 -30.57
C VAL B 241 -11.81 6.22 -31.51
N ALA B 242 -12.43 6.88 -32.51
CA ALA B 242 -13.23 6.12 -33.47
C ALA B 242 -12.36 5.12 -34.21
N SER B 243 -11.13 5.53 -34.58
CA SER B 243 -10.22 4.57 -35.23
C SER B 243 -9.80 3.44 -34.31
N ALA B 244 -9.52 3.81 -33.08
CA ALA B 244 -9.19 2.82 -32.03
C ALA B 244 -10.26 1.80 -31.77
N ILE B 245 -11.51 2.27 -31.72
CA ILE B 245 -12.67 1.38 -31.55
C ILE B 245 -12.90 0.48 -32.76
N LYS B 246 -12.90 1.06 -33.96
CA LYS B 246 -13.06 0.31 -35.19
C LYS B 246 -12.05 -0.83 -35.27
N ASN B 247 -10.82 -0.58 -34.80
CA ASN B 247 -9.75 -1.57 -34.88
C ASN B 247 -9.46 -2.33 -33.59
N GLY B 248 -10.44 -2.32 -32.71
CA GLY B 248 -10.36 -3.14 -31.51
C GLY B 248 -10.21 -4.63 -31.83
N TRP B 249 -9.69 -5.40 -30.90
CA TRP B 249 -9.42 -6.82 -31.09
C TRP B 249 -9.81 -7.67 -29.89
N LYS B 250 -10.06 -8.96 -30.16
CA LYS B 250 -10.55 -9.90 -29.16
C LYS B 250 -9.38 -10.39 -28.33
N MET B 251 -9.48 -10.11 -27.04
CA MET B 251 -8.48 -10.59 -26.11
C MET B 251 -8.76 -11.97 -25.50
N ASN B 252 -10.03 -12.21 -25.14
CA ASN B 252 -10.45 -13.49 -24.64
C ASN B 252 -12.00 -13.53 -24.79
N ASP B 253 -12.65 -14.47 -24.11
CA ASP B 253 -14.09 -14.57 -24.21
C ASP B 253 -14.89 -13.42 -23.64
N PHE B 254 -14.23 -12.63 -22.81
CA PHE B 254 -14.84 -11.59 -22.00
C PHE B 254 -14.61 -10.17 -22.47
N VAL B 255 -13.59 -9.92 -23.26
CA VAL B 255 -13.17 -8.52 -23.43
C VAL B 255 -12.30 -8.40 -24.67
N GLY B 256 -12.24 -7.21 -25.19
CA GLY B 256 -11.25 -6.84 -26.20
C GLY B 256 -10.98 -5.37 -26.10
N PRO B 257 -9.70 -4.96 -26.19
CA PRO B 257 -9.38 -3.51 -26.07
C PRO B 257 -9.44 -2.80 -27.41
N VAL B 258 -9.64 -1.49 -27.34
CA VAL B 258 -9.41 -0.66 -28.48
C VAL B 258 -7.93 -0.65 -28.90
N ASP B 259 -7.66 -0.33 -30.17
CA ASP B 259 -6.29 -0.21 -30.69
C ASP B 259 -5.85 1.26 -30.60
N HIS B 260 -5.19 1.60 -29.49
CA HIS B 260 -4.90 2.99 -29.22
C HIS B 260 -4.10 3.73 -30.32
N GLY B 261 -3.28 2.97 -31.02
CA GLY B 261 -2.46 3.48 -32.15
C GLY B 261 -3.10 3.48 -33.49
N ALA B 262 -4.38 3.08 -33.60
CA ALA B 262 -4.94 2.89 -34.93
C ALA B 262 -5.07 4.15 -35.73
N TYR B 263 -5.33 5.28 -35.09
CA TYR B 263 -5.46 6.54 -35.80
C TYR B 263 -4.20 6.83 -36.63
N ASN B 264 -3.03 6.65 -36.03
CA ASN B 264 -1.79 6.92 -36.69
C ASN B 264 -1.29 5.80 -37.61
N ARG B 265 -1.60 4.56 -37.24
CA ARG B 265 -1.02 3.40 -37.90
C ARG B 265 -1.91 2.91 -39.00
N ILE B 266 -3.25 3.06 -38.82
CA ILE B 266 -4.20 2.38 -39.71
C ILE B 266 -4.98 3.35 -40.55
N GLU B 267 -5.69 4.26 -39.90
CA GLU B 267 -6.64 5.09 -40.57
C GLU B 267 -7.23 6.20 -39.75
N HIS B 268 -7.54 7.28 -40.44
CA HIS B 268 -8.35 8.34 -39.84
C HIS B 268 -9.83 8.02 -40.04
N ILE B 269 -10.68 8.67 -39.24
CA ILE B 269 -12.15 8.57 -39.31
C ILE B 269 -12.67 10.01 -39.27
N ASP B 270 -13.60 10.31 -40.14
CA ASP B 270 -14.14 11.65 -40.22
C ASP B 270 -15.24 11.77 -39.14
N VAL B 271 -15.34 12.96 -38.56
CA VAL B 271 -16.44 13.30 -37.65
C VAL B 271 -17.33 14.38 -38.26
N GLU B 272 -18.64 14.12 -38.25
CA GLU B 272 -19.63 15.10 -38.72
C GLU B 272 -20.07 15.98 -37.56
N VAL B 273 -19.91 17.30 -37.78
CA VAL B 273 -20.21 18.30 -36.79
C VAL B 273 -21.36 19.22 -37.27
N THR B 274 -22.40 19.27 -36.45
CA THR B 274 -23.52 20.15 -36.68
C THR B 274 -23.92 20.93 -35.40
N GLU B 275 -24.57 22.07 -35.57
CA GLU B 275 -25.17 22.76 -34.43
C GLU B 275 -26.61 22.32 -34.20
N VAL B 276 -26.93 22.10 -32.95
CA VAL B 276 -28.27 21.58 -32.54
C VAL B 276 -28.87 22.36 -31.39
N GLY C 1 -1.37 -8.10 -39.26
CA GLY C 1 -1.57 -9.19 -38.28
C GLY C 1 -2.00 -8.53 -36.97
N ALA C 2 -2.38 -9.37 -36.03
CA ALA C 2 -2.69 -8.91 -34.68
C ALA C 2 -1.41 -8.26 -34.03
N LEU C 3 -1.63 -7.24 -33.19
CA LEU C 3 -0.53 -6.69 -32.39
C LEU C 3 0.07 -7.81 -31.51
N LYS C 4 1.38 -7.81 -31.45
CA LYS C 4 2.07 -8.68 -30.56
C LYS C 4 1.95 -8.13 -29.16
N LYS C 5 1.76 -9.05 -28.22
CA LYS C 5 1.51 -8.75 -26.82
C LYS C 5 2.85 -8.85 -26.08
N VAL C 6 3.31 -7.73 -25.54
CA VAL C 6 4.64 -7.63 -24.95
C VAL C 6 4.47 -7.18 -23.50
N LEU C 7 4.97 -8.00 -22.59
CA LEU C 7 4.88 -7.79 -21.15
C LEU C 7 6.22 -7.37 -20.60
N THR C 8 6.20 -6.34 -19.76
CA THR C 8 7.31 -6.00 -18.92
C THR C 8 6.98 -6.32 -17.45
N ILE C 9 7.97 -6.83 -16.73
CA ILE C 9 7.91 -7.08 -15.27
C ILE C 9 8.88 -6.05 -14.72
N ALA C 10 8.33 -5.00 -14.10
CA ALA C 10 9.11 -3.80 -13.79
C ALA C 10 8.36 -2.97 -12.74
N GLY C 11 9.03 -2.01 -12.18
CA GLY C 11 8.39 -1.04 -11.31
C GLY C 11 8.08 0.30 -12.01
N SER C 12 7.30 1.08 -11.34
CA SER C 12 6.91 2.38 -11.78
C SER C 12 7.97 3.47 -11.47
N ASP C 13 8.52 4.15 -12.47
CA ASP C 13 9.38 5.32 -12.23
C ASP C 13 8.47 6.50 -12.30
N THR C 14 8.13 7.12 -11.19
CA THR C 14 7.11 8.18 -11.21
C THR C 14 7.52 9.34 -12.16
N SER C 15 8.83 9.57 -12.31
CA SER C 15 9.27 10.63 -13.20
C SER C 15 8.99 10.32 -14.71
N ALA C 16 8.77 9.05 -15.01
CA ALA C 16 8.19 8.53 -16.25
C ALA C 16 9.17 8.37 -17.36
N GLY C 17 10.47 8.43 -17.07
CA GLY C 17 11.46 8.29 -18.16
C GLY C 17 12.02 6.89 -18.26
N ALA C 18 12.13 6.21 -17.13
CA ALA C 18 12.62 4.84 -17.03
C ALA C 18 11.48 3.92 -16.51
N GLY C 19 11.84 2.78 -15.97
CA GLY C 19 10.85 1.85 -15.43
C GLY C 19 9.86 1.37 -16.47
N MET C 20 8.70 0.98 -15.94
CA MET C 20 7.64 0.44 -16.79
C MET C 20 7.14 1.51 -17.78
N GLN C 21 7.32 2.77 -17.43
CA GLN C 21 6.85 3.86 -18.26
C GLN C 21 7.70 3.86 -19.56
N ALA C 22 9.02 3.82 -19.44
CA ALA C 22 9.84 3.66 -20.64
C ALA C 22 9.46 2.45 -21.45
N ASP C 23 9.17 1.34 -20.80
CA ASP C 23 8.82 0.11 -21.45
C ASP C 23 7.52 0.26 -22.25
N LEU C 24 6.47 0.76 -21.59
CA LEU C 24 5.18 0.87 -22.28
C LEU C 24 5.28 1.88 -23.42
N LYS C 25 6.00 2.97 -23.22
CA LYS C 25 6.10 4.01 -24.23
C LYS C 25 6.85 3.44 -25.45
N THR C 26 7.92 2.71 -25.19
CA THR C 26 8.74 2.09 -26.29
C THR C 26 7.95 1.03 -27.02
N PHE C 27 7.24 0.19 -26.29
CA PHE C 27 6.35 -0.82 -26.88
C PHE C 27 5.34 -0.19 -27.83
N GLN C 28 4.77 0.92 -27.40
CA GLN C 28 3.79 1.67 -28.17
C GLN C 28 4.41 2.23 -29.46
N GLU C 29 5.59 2.84 -29.32
CA GLU C 29 6.34 3.39 -30.49
C GLU C 29 6.60 2.33 -31.50
N LEU C 30 6.74 1.09 -31.08
CA LEU C 30 7.14 -0.02 -31.94
C LEU C 30 5.96 -0.89 -32.30
N ASP C 31 4.74 -0.30 -32.16
CA ASP C 31 3.55 -0.99 -32.70
C ASP C 31 3.31 -2.35 -32.15
N THR C 32 3.44 -2.45 -30.81
CA THR C 32 3.09 -3.66 -30.09
C THR C 32 2.10 -3.25 -29.00
N TYR C 33 1.47 -4.27 -28.47
CA TYR C 33 0.49 -4.12 -27.34
C TYR C 33 1.21 -4.30 -25.99
N GLY C 34 1.56 -3.18 -25.38
CA GLY C 34 2.31 -3.18 -24.15
C GLY C 34 1.51 -3.53 -22.92
N MET C 35 2.12 -4.33 -22.03
CA MET C 35 1.51 -4.73 -20.80
C MET C 35 2.53 -4.64 -19.68
N VAL C 36 2.07 -4.49 -18.44
CA VAL C 36 3.01 -4.47 -17.28
C VAL C 36 2.46 -5.24 -16.11
N ALA C 37 3.35 -5.98 -15.45
CA ALA C 37 3.10 -6.47 -14.10
C ALA C 37 4.05 -5.66 -13.19
N LEU C 38 3.47 -4.85 -12.33
CA LEU C 38 4.15 -3.90 -11.51
C LEU C 38 4.71 -4.59 -10.25
N THR C 39 5.95 -4.26 -9.94
CA THR C 39 6.65 -4.79 -8.80
C THR C 39 6.83 -3.84 -7.61
N ALA C 40 6.77 -2.57 -7.85
CA ALA C 40 7.21 -1.50 -6.96
C ALA C 40 6.90 -0.15 -7.55
N ILE C 41 6.88 0.87 -6.72
CA ILE C 41 6.71 2.26 -7.10
C ILE C 41 7.86 3.05 -6.58
N VAL C 42 8.55 3.74 -7.46
CA VAL C 42 9.66 4.65 -7.12
C VAL C 42 9.23 6.11 -7.19
N THR C 43 9.39 6.79 -6.08
CA THR C 43 9.09 8.22 -5.97
C THR C 43 10.32 9.02 -5.60
N MET C 44 10.25 10.33 -5.80
CA MET C 44 11.38 11.21 -5.57
C MET C 44 10.97 12.49 -4.81
N ASP C 45 11.83 12.90 -3.88
CA ASP C 45 11.56 14.07 -3.05
C ASP C 45 11.66 15.33 -3.91
N LYS C 46 10.71 16.25 -3.74
CA LYS C 46 10.64 17.44 -4.55
C LYS C 46 11.86 18.33 -4.50
N ASP C 47 12.57 18.27 -3.40
CA ASP C 47 13.72 19.21 -3.12
C ASP C 47 15.08 18.58 -3.46
N THR C 48 15.25 17.32 -3.05
CA THR C 48 16.52 16.68 -3.13
C THR C 48 16.58 15.58 -4.20
N TRP C 49 15.40 15.18 -4.72
CA TRP C 49 15.26 14.02 -5.63
C TRP C 49 15.67 12.67 -5.01
N SER C 50 15.78 12.65 -3.68
CA SER C 50 16.02 11.42 -2.99
C SER C 50 14.90 10.41 -3.33
N HIS C 51 15.32 9.22 -3.71
CA HIS C 51 14.41 8.14 -4.08
C HIS C 51 13.86 7.40 -2.90
N ASP C 52 12.61 7.00 -3.01
CA ASP C 52 12.00 5.98 -2.14
C ASP C 52 11.40 4.90 -3.00
N VAL C 53 11.67 3.66 -2.68
CA VAL C 53 11.15 2.53 -3.36
C VAL C 53 10.09 1.81 -2.50
N THR C 54 8.83 1.86 -2.94
CA THR C 54 7.75 1.20 -2.25
C THR C 54 7.45 -0.15 -2.90
N PRO C 55 7.79 -1.26 -2.25
CA PRO C 55 7.47 -2.54 -2.89
C PRO C 55 5.97 -2.79 -2.86
N LEU C 56 5.47 -3.44 -3.90
CA LEU C 56 4.08 -3.89 -3.95
C LEU C 56 4.00 -5.30 -3.28
N PRO C 57 2.89 -5.56 -2.59
CA PRO C 57 2.76 -6.89 -1.94
C PRO C 57 2.80 -8.07 -2.96
N MET C 58 3.33 -9.21 -2.54
CA MET C 58 3.41 -10.32 -3.40
C MET C 58 2.04 -10.77 -3.87
N ASP C 59 1.01 -10.62 -3.03
CA ASP C 59 -0.28 -11.12 -3.50
C ASP C 59 -0.73 -10.31 -4.75
N VAL C 60 -0.52 -9.00 -4.77
CA VAL C 60 -0.94 -8.20 -5.92
C VAL C 60 -0.03 -8.45 -7.12
N PHE C 61 1.25 -8.68 -6.86
CA PHE C 61 2.14 -9.07 -7.94
C PHE C 61 1.64 -10.35 -8.60
N GLU C 62 1.33 -11.35 -7.80
CA GLU C 62 0.85 -12.66 -8.34
C GLU C 62 -0.48 -12.53 -9.09
N LYS C 63 -1.38 -11.69 -8.58
CA LYS C 63 -2.62 -11.42 -9.31
C LYS C 63 -2.35 -10.84 -10.68
N GLN C 64 -1.43 -9.90 -10.74
CA GLN C 64 -1.10 -9.28 -12.02
C GLN C 64 -0.51 -10.33 -12.97
N LEU C 65 0.39 -11.13 -12.43
CA LEU C 65 1.02 -12.18 -13.29
C LEU C 65 -0.07 -13.12 -13.85
N GLU C 66 -1.03 -13.54 -13.01
CA GLU C 66 -2.06 -14.42 -13.47
C GLU C 66 -2.83 -13.81 -14.65
N THR C 67 -3.20 -12.54 -14.51
CA THR C 67 -3.95 -11.88 -15.58
C THR C 67 -3.10 -11.81 -16.87
N ALA C 68 -1.84 -11.38 -16.72
CA ALA C 68 -0.94 -11.23 -17.88
C ALA C 68 -0.70 -12.61 -18.57
N LEU C 69 -0.49 -13.68 -17.80
CA LEU C 69 -0.25 -14.99 -18.35
C LEU C 69 -1.49 -15.44 -19.09
N SER C 70 -2.67 -15.11 -18.57
CA SER C 70 -3.91 -15.59 -19.19
CA SER C 70 -3.92 -15.57 -19.20
C SER C 70 -4.08 -14.91 -20.56
N ILE C 71 -3.71 -13.66 -20.64
CA ILE C 71 -3.78 -12.88 -21.91
C ILE C 71 -2.80 -13.44 -22.94
N GLY C 72 -1.65 -13.91 -22.46
CA GLY C 72 -0.73 -14.70 -23.28
C GLY C 72 0.29 -13.80 -23.98
N PRO C 73 1.38 -13.42 -23.31
CA PRO C 73 2.35 -12.57 -24.01
C PRO C 73 3.10 -13.34 -25.10
N ASP C 74 3.46 -12.61 -26.16
CA ASP C 74 4.39 -13.06 -27.22
C ASP C 74 5.86 -12.88 -26.85
N ALA C 75 6.12 -11.95 -25.94
CA ALA C 75 7.48 -11.63 -25.50
C ALA C 75 7.40 -11.04 -24.09
N ILE C 76 8.45 -11.24 -23.30
CA ILE C 76 8.52 -10.69 -21.94
C ILE C 76 9.88 -10.07 -21.71
N LYS C 77 9.89 -8.87 -21.15
CA LYS C 77 11.08 -8.22 -20.68
C LYS C 77 11.05 -8.13 -19.19
N THR C 78 12.23 -8.19 -18.55
CA THR C 78 12.35 -7.89 -17.13
C THR C 78 13.16 -6.67 -16.99
N GLY C 79 12.65 -5.75 -16.13
CA GLY C 79 13.43 -4.62 -15.67
C GLY C 79 14.03 -4.81 -14.33
N MET C 80 14.37 -3.72 -13.66
CA MET C 80 14.96 -3.89 -12.31
C MET C 80 13.97 -4.62 -11.40
N LEU C 81 14.48 -5.71 -10.80
CA LEU C 81 13.72 -6.56 -9.92
C LEU C 81 14.44 -6.53 -8.55
N GLY C 82 13.64 -6.43 -7.52
CA GLY C 82 14.16 -6.15 -6.22
C GLY C 82 14.46 -7.30 -5.30
N THR C 83 13.90 -8.47 -5.55
CA THR C 83 14.08 -9.59 -4.67
C THR C 83 14.34 -10.88 -5.39
N GLU C 84 14.96 -11.82 -4.69
CA GLU C 84 15.18 -13.12 -5.25
C GLU C 84 13.87 -13.79 -5.65
N GLU C 85 12.85 -13.65 -4.81
CA GLU C 85 11.58 -14.28 -5.11
C GLU C 85 10.99 -13.73 -6.42
N ILE C 86 11.05 -12.42 -6.61
CA ILE C 86 10.54 -11.88 -7.87
C ILE C 86 11.35 -12.31 -9.07
N ILE C 87 12.66 -12.30 -8.91
CA ILE C 87 13.55 -12.84 -9.94
C ILE C 87 13.18 -14.28 -10.39
N LYS C 88 12.99 -15.15 -9.41
CA LYS C 88 12.63 -16.53 -9.66
C LYS C 88 11.25 -16.58 -10.36
N ARG C 89 10.28 -15.81 -9.86
CA ARG C 89 8.92 -15.84 -10.44
C ARG C 89 8.94 -15.31 -11.88
N ALA C 90 9.78 -14.32 -12.20
CA ALA C 90 9.84 -13.82 -13.55
C ALA C 90 10.24 -14.92 -14.52
N GLY C 91 11.31 -15.63 -14.21
CA GLY C 91 11.67 -16.84 -15.03
C GLY C 91 10.58 -17.87 -15.19
N GLU C 92 9.88 -18.13 -14.10
CA GLU C 92 8.76 -19.12 -14.05
C GLU C 92 7.62 -18.69 -14.95
N VAL C 93 7.24 -17.42 -14.89
CA VAL C 93 6.16 -16.89 -15.74
C VAL C 93 6.53 -16.99 -17.20
N TYR C 94 7.75 -16.67 -17.57
CA TYR C 94 8.18 -16.82 -18.96
C TYR C 94 8.04 -18.28 -19.42
N GLU C 95 8.53 -19.21 -18.62
CA GLU C 95 8.41 -20.65 -18.94
C GLU C 95 7.00 -21.15 -19.00
N ALA C 96 6.12 -20.60 -18.16
CA ALA C 96 4.72 -21.00 -18.16
C ALA C 96 3.92 -20.50 -19.38
N SER C 97 4.37 -19.39 -19.90
CA SER C 97 3.77 -18.71 -21.05
C SER C 97 4.16 -19.37 -22.35
N ASN C 98 3.51 -18.97 -23.40
CA ASN C 98 3.93 -19.39 -24.75
C ASN C 98 4.83 -18.40 -25.45
N ALA C 99 5.41 -17.50 -24.66
CA ALA C 99 6.24 -16.47 -25.27
C ALA C 99 7.55 -17.12 -25.79
N GLN C 100 7.98 -16.68 -26.97
CA GLN C 100 9.25 -17.16 -27.53
C GLN C 100 10.46 -16.29 -27.28
N TYR C 101 10.26 -15.12 -26.66
CA TYR C 101 11.34 -14.18 -26.47
C TYR C 101 11.31 -13.71 -25.03
N PHE C 102 12.47 -13.73 -24.39
CA PHE C 102 12.68 -13.24 -23.01
C PHE C 102 13.91 -12.36 -23.04
N VAL C 103 13.72 -11.09 -22.71
CA VAL C 103 14.80 -10.10 -22.69
C VAL C 103 15.00 -9.70 -21.22
N VAL C 104 16.21 -9.88 -20.72
CA VAL C 104 16.54 -9.61 -19.32
C VAL C 104 17.48 -8.43 -19.25
N ASP C 105 17.03 -7.34 -18.61
CA ASP C 105 17.88 -6.18 -18.32
C ASP C 105 18.30 -6.35 -16.89
N PRO C 106 19.57 -6.79 -16.65
CA PRO C 106 19.98 -7.30 -15.30
C PRO C 106 20.38 -6.17 -14.41
N VAL C 107 19.42 -5.36 -14.05
CA VAL C 107 19.76 -4.06 -13.43
C VAL C 107 20.24 -4.25 -12.00
N MET C 108 21.39 -3.61 -11.68
CA MET C 108 22.01 -3.63 -10.38
C MET C 108 22.49 -2.19 -10.06
N VAL C 109 22.87 -2.01 -8.81
CA VAL C 109 23.45 -0.77 -8.35
C VAL C 109 24.83 -1.00 -7.82
N CYS C 110 25.80 -0.23 -8.30
CA CYS C 110 27.14 -0.37 -7.80
C CYS C 110 27.20 0.36 -6.47
N LYS C 111 27.47 -0.39 -5.41
CA LYS C 111 27.62 0.19 -4.08
C LYS C 111 29.09 0.11 -3.79
N GLY C 112 29.66 1.20 -3.32
CA GLY C 112 31.08 1.21 -3.08
C GLY C 112 31.66 1.18 -4.46
N GLU C 113 32.94 0.88 -4.57
CA GLU C 113 33.57 0.81 -5.89
C GLU C 113 33.14 -0.31 -6.85
N ASP C 114 32.92 -1.54 -6.37
CA ASP C 114 32.50 -2.63 -7.26
C ASP C 114 31.58 -3.71 -6.65
N GLU C 115 30.58 -3.32 -5.88
CA GLU C 115 29.72 -4.28 -5.19
C GLU C 115 28.25 -3.91 -5.30
N VAL C 116 27.38 -4.86 -4.99
CA VAL C 116 25.95 -4.59 -4.98
C VAL C 116 25.40 -4.69 -3.56
N LEU C 117 24.17 -4.24 -3.40
CA LEU C 117 23.48 -4.26 -2.09
C LEU C 117 23.30 -5.69 -1.54
N ASN C 118 22.79 -6.55 -2.42
CA ASN C 118 22.59 -7.93 -2.10
C ASN C 118 23.04 -8.83 -3.25
N PRO C 119 24.29 -9.33 -3.13
CA PRO C 119 24.80 -10.20 -4.18
C PRO C 119 23.91 -11.43 -4.38
N GLY C 120 23.02 -11.74 -3.42
CA GLY C 120 22.06 -12.81 -3.63
C GLY C 120 21.15 -12.58 -4.83
N ASN C 121 20.87 -11.30 -5.13
CA ASN C 121 20.07 -10.98 -6.32
C ASN C 121 20.85 -11.36 -7.57
N THR C 122 22.12 -11.01 -7.58
CA THR C 122 22.97 -11.35 -8.73
C THR C 122 22.94 -12.87 -8.95
N GLU C 123 23.15 -13.58 -7.86
CA GLU C 123 23.14 -15.03 -7.90
C GLU C 123 21.83 -15.56 -8.47
N ALA C 124 20.73 -14.98 -8.03
CA ALA C 124 19.42 -15.41 -8.49
C ALA C 124 19.25 -15.14 -10.00
N MET C 125 19.76 -13.98 -10.46
CA MET C 125 19.71 -13.69 -11.93
C MET C 125 20.47 -14.74 -12.73
N ILE C 126 21.67 -15.08 -12.26
CA ILE C 126 22.48 -16.09 -12.95
C ILE C 126 21.76 -17.43 -12.98
N LYS C 127 21.15 -17.79 -11.84
CA LYS C 127 20.47 -19.04 -11.67
C LYS C 127 19.17 -19.19 -12.44
N TYR C 128 18.31 -18.20 -12.36
CA TYR C 128 16.96 -18.28 -12.83
C TYR C 128 16.69 -17.54 -14.14
N LEU C 129 17.44 -16.48 -14.43
CA LEU C 129 17.10 -15.64 -15.62
C LEU C 129 18.04 -15.88 -16.83
N LEU C 130 19.36 -15.88 -16.58
CA LEU C 130 20.28 -16.07 -17.69
C LEU C 130 19.98 -17.29 -18.58
N PRO C 131 19.68 -18.43 -17.98
CA PRO C 131 19.53 -19.60 -18.81
C PRO C 131 18.25 -19.62 -19.63
N LYS C 132 17.35 -18.68 -19.37
CA LYS C 132 16.11 -18.53 -20.13
C LYS C 132 16.17 -17.38 -21.10
N ALA C 133 17.18 -16.52 -21.00
CA ALA C 133 17.21 -15.31 -21.78
C ALA C 133 17.47 -15.49 -23.26
N THR C 134 16.63 -14.92 -24.08
CA THR C 134 16.98 -14.68 -25.51
C THR C 134 18.11 -13.71 -25.60
N VAL C 135 17.98 -12.57 -24.93
CA VAL C 135 18.96 -11.55 -24.89
C VAL C 135 19.08 -11.09 -23.45
N VAL C 136 20.31 -10.89 -23.01
CA VAL C 136 20.60 -10.20 -21.73
C VAL C 136 21.42 -8.96 -22.04
N THR C 137 21.07 -7.84 -21.38
CA THR C 137 21.58 -6.52 -21.70
C THR C 137 22.26 -5.79 -20.54
N PRO C 138 23.27 -6.39 -19.97
CA PRO C 138 24.00 -5.68 -18.91
C PRO C 138 24.81 -4.44 -19.34
N ASN C 139 24.92 -3.48 -18.44
CA ASN C 139 25.91 -2.45 -18.57
C ASN C 139 27.28 -3.04 -18.14
N LEU C 140 28.32 -2.22 -18.24
CA LEU C 140 29.67 -2.70 -18.00
C LEU C 140 29.79 -3.28 -16.58
N PHE C 141 29.26 -2.58 -15.60
CA PHE C 141 29.33 -3.06 -14.24
C PHE C 141 28.59 -4.37 -14.05
N GLU C 142 27.39 -4.45 -14.60
CA GLU C 142 26.55 -5.63 -14.48
C GLU C 142 27.17 -6.84 -15.15
N ALA C 143 27.85 -6.63 -16.28
CA ALA C 143 28.55 -7.72 -16.93
C ALA C 143 29.68 -8.28 -16.08
N GLY C 144 30.36 -7.41 -15.35
CA GLY C 144 31.43 -7.86 -14.48
C GLY C 144 30.86 -8.69 -13.36
N GLN C 145 29.72 -8.27 -12.84
CA GLN C 145 29.04 -9.06 -11.81
C GLN C 145 28.51 -10.41 -12.29
N LEU C 146 27.86 -10.42 -13.46
CA LEU C 146 27.28 -11.64 -13.98
C LEU C 146 28.33 -12.68 -14.39
N SER C 147 29.48 -12.20 -14.86
CA SER C 147 30.57 -13.05 -15.32
C SER C 147 31.53 -13.45 -14.20
N GLY C 148 31.43 -12.85 -13.05
CA GLY C 148 32.32 -13.13 -11.98
C GLY C 148 33.72 -12.52 -12.17
N LEU C 149 33.88 -11.70 -13.20
CA LEU C 149 35.19 -11.15 -13.53
C LEU C 149 35.49 -9.86 -12.80
N GLY C 150 34.50 -9.28 -12.15
CA GLY C 150 34.68 -7.95 -11.59
C GLY C 150 34.81 -6.87 -12.64
N LYS C 151 35.59 -5.84 -12.34
CA LYS C 151 35.65 -4.67 -13.17
C LYS C 151 36.20 -4.95 -14.57
N LEU C 152 35.47 -4.48 -15.59
CA LEU C 152 35.87 -4.70 -16.97
C LEU C 152 36.34 -3.38 -17.52
N ASN C 153 37.36 -3.41 -18.36
CA ASN C 153 38.01 -2.14 -18.76
C ASN C 153 38.30 -2.01 -20.25
N SER C 154 37.92 -3.04 -21.03
CA SER C 154 38.27 -3.08 -22.46
C SER C 154 37.31 -3.94 -23.28
N ILE C 155 37.29 -3.77 -24.60
CA ILE C 155 36.56 -4.70 -25.45
C ILE C 155 37.01 -6.19 -25.19
N GLU C 156 38.31 -6.42 -24.95
CA GLU C 156 38.84 -7.75 -24.66
C GLU C 156 38.24 -8.39 -23.35
N ASP C 157 38.08 -7.56 -22.32
CA ASP C 157 37.45 -7.95 -21.10
C ASP C 157 35.95 -8.20 -21.33
N MET C 158 35.33 -7.32 -22.09
CA MET C 158 33.96 -7.50 -22.40
C MET C 158 33.73 -8.81 -23.20
N LYS C 159 34.65 -9.16 -24.12
CA LYS C 159 34.53 -10.40 -24.86
C LYS C 159 34.51 -11.57 -23.86
N LYS C 160 35.44 -11.56 -22.91
CA LYS C 160 35.52 -12.64 -21.95
C LYS C 160 34.25 -12.72 -21.13
N ALA C 161 33.76 -11.58 -20.68
CA ALA C 161 32.53 -11.55 -19.88
C ALA C 161 31.38 -12.13 -20.70
N ALA C 162 31.33 -11.72 -21.97
CA ALA C 162 30.24 -12.14 -22.82
C ALA C 162 30.27 -13.64 -23.00
N THR C 163 31.48 -14.23 -23.16
CA THR C 163 31.52 -15.67 -23.32
C THR C 163 31.03 -16.41 -22.11
N ILE C 164 31.40 -15.90 -20.96
CA ILE C 164 30.99 -16.48 -19.70
C ILE C 164 29.49 -16.39 -19.52
N ILE C 165 28.94 -15.22 -19.82
CA ILE C 165 27.47 -15.01 -19.68
C ILE C 165 26.72 -15.92 -20.67
N PHE C 166 27.21 -16.00 -21.91
CA PHE C 166 26.66 -16.93 -22.90
C PHE C 166 26.71 -18.38 -22.34
N ASP C 167 27.82 -18.78 -21.70
CA ASP C 167 27.98 -20.13 -21.22
C ASP C 167 27.00 -20.41 -20.08
N LYS C 168 26.58 -19.38 -19.38
CA LYS C 168 25.61 -19.52 -18.29
C LYS C 168 24.19 -19.69 -18.83
N GLY C 169 24.02 -19.56 -20.16
CA GLY C 169 22.80 -19.97 -20.91
C GLY C 169 22.10 -18.86 -21.72
N ALA C 170 22.54 -17.62 -21.58
CA ALA C 170 21.93 -16.58 -22.36
C ALA C 170 22.26 -16.74 -23.85
N GLN C 171 21.25 -16.67 -24.70
CA GLN C 171 21.46 -16.94 -26.14
C GLN C 171 22.22 -15.84 -26.88
N HIS C 172 22.07 -14.60 -26.41
CA HIS C 172 22.66 -13.43 -26.99
C HIS C 172 22.96 -12.50 -25.85
N VAL C 173 24.10 -11.86 -25.94
CA VAL C 173 24.58 -11.00 -24.84
C VAL C 173 24.95 -9.66 -25.51
N ILE C 174 24.49 -8.54 -24.95
CA ILE C 174 24.99 -7.26 -25.36
C ILE C 174 25.42 -6.54 -24.07
N ILE C 175 26.69 -6.17 -24.01
CA ILE C 175 27.24 -5.42 -22.92
C ILE C 175 27.43 -3.99 -23.37
N LYS C 176 26.76 -3.08 -22.65
CA LYS C 176 26.81 -1.65 -22.97
C LYS C 176 28.01 -1.03 -22.28
N GLY C 177 28.94 -0.51 -23.04
CA GLY C 177 30.15 0.06 -22.45
C GLY C 177 29.85 1.36 -21.78
N GLY C 178 29.15 2.22 -22.50
CA GLY C 178 28.80 3.58 -21.97
C GLY C 178 30.02 4.39 -21.55
N LYS C 179 29.76 5.39 -20.72
CA LYS C 179 30.79 6.31 -20.27
C LYS C 179 31.77 5.58 -19.40
N ALA C 180 31.35 4.48 -18.73
CA ALA C 180 32.28 3.69 -17.90
C ALA C 180 33.47 3.12 -18.75
N LEU C 181 33.16 2.81 -20.02
CA LEU C 181 34.16 2.33 -20.97
C LEU C 181 34.91 3.46 -21.69
N ASP C 182 34.16 4.41 -22.28
CA ASP C 182 34.72 5.50 -23.12
C ASP C 182 33.77 6.70 -22.96
N GLN C 183 34.42 7.83 -22.70
CA GLN C 183 33.76 9.09 -22.46
C GLN C 183 33.45 9.84 -23.81
N ASP C 184 33.87 9.27 -24.98
CA ASP C 184 33.78 9.94 -26.34
C ASP C 184 32.86 9.26 -27.42
N LYS C 185 32.97 7.93 -27.58
CA LYS C 185 31.99 7.15 -28.33
C LYS C 185 31.33 6.10 -27.41
N SER C 186 30.07 5.79 -27.77
CA SER C 186 29.30 4.75 -27.14
C SER C 186 29.50 3.40 -27.83
N TYR C 187 30.33 2.47 -27.21
CA TYR C 187 30.61 1.15 -27.76
C TYR C 187 29.90 0.09 -26.91
N ASP C 188 29.13 -0.71 -27.56
CA ASP C 188 28.55 -1.93 -27.04
C ASP C 188 29.19 -3.15 -27.71
N LEU C 189 29.19 -4.25 -26.99
CA LEU C 189 29.68 -5.53 -27.45
C LEU C 189 28.57 -6.54 -27.47
N TYR C 190 28.25 -7.01 -28.67
CA TYR C 190 27.22 -8.01 -28.92
C TYR C 190 27.84 -9.33 -29.30
N TYR C 191 27.42 -10.36 -28.62
CA TYR C 191 27.89 -11.74 -28.85
C TYR C 191 26.75 -12.77 -28.96
N ASP C 192 26.82 -13.60 -29.98
CA ASP C 192 25.80 -14.61 -30.24
C ASP C 192 26.27 -16.04 -30.12
N GLY C 193 27.43 -16.22 -29.45
CA GLY C 193 28.05 -17.57 -29.30
C GLY C 193 29.02 -17.96 -30.40
N GLN C 194 29.02 -17.15 -31.44
CA GLN C 194 29.89 -17.35 -32.64
C GLN C 194 30.74 -16.15 -33.07
N THR C 195 30.16 -14.98 -33.07
CA THR C 195 30.79 -13.75 -33.52
C THR C 195 30.59 -12.65 -32.49
N PHE C 196 31.64 -11.86 -32.33
CA PHE C 196 31.64 -10.65 -31.53
C PHE C 196 31.48 -9.44 -32.40
N TYR C 197 30.43 -8.66 -32.13
CA TYR C 197 30.21 -7.42 -32.86
C TYR C 197 30.31 -6.22 -31.92
N GLN C 198 31.10 -5.27 -32.33
CA GLN C 198 31.12 -3.95 -31.72
C GLN C 198 30.14 -3.02 -32.38
N LEU C 199 29.26 -2.43 -31.59
CA LEU C 199 28.30 -1.43 -32.06
C LEU C 199 28.66 -0.07 -31.53
N THR C 200 28.72 0.92 -32.42
CA THR C 200 29.09 2.27 -32.07
C THR C 200 28.07 3.23 -32.69
N THR C 201 27.83 4.29 -31.94
CA THR C 201 27.09 5.46 -32.33
C THR C 201 27.93 6.58 -31.68
N ASP C 202 27.89 7.73 -32.32
CA ASP C 202 28.56 8.92 -31.81
C ASP C 202 27.85 9.45 -30.57
N MET C 203 28.51 10.35 -29.86
CA MET C 203 27.92 10.97 -28.68
C MET C 203 27.50 12.41 -28.92
N PHE C 204 26.44 12.80 -28.19
CA PHE C 204 25.83 14.15 -28.08
C PHE C 204 24.71 14.09 -26.98
N GLN C 205 24.47 15.19 -26.28
CA GLN C 205 23.33 15.33 -25.29
C GLN C 205 23.01 14.06 -24.45
N GLN C 206 24.10 13.42 -24.00
CA GLN C 206 24.10 12.32 -23.00
C GLN C 206 23.93 12.86 -21.58
N SER C 207 23.75 14.18 -21.48
CA SER C 207 23.36 14.80 -20.23
C SER C 207 22.01 14.18 -19.86
N TYR C 208 21.21 13.93 -20.91
CA TYR C 208 19.85 13.42 -20.80
C TYR C 208 19.60 11.95 -21.32
N ASN C 209 20.03 11.02 -20.47
CA ASN C 209 19.98 9.55 -20.70
CA ASN C 209 19.93 9.61 -20.73
C ASN C 209 19.16 8.70 -19.72
N HIS C 210 18.37 9.40 -18.91
CA HIS C 210 17.52 8.68 -17.98
C HIS C 210 16.52 7.87 -18.74
N GLY C 211 16.47 6.58 -18.42
CA GLY C 211 15.65 5.63 -19.13
C GLY C 211 16.27 5.01 -20.36
N ALA C 212 17.53 5.30 -20.65
CA ALA C 212 18.19 4.71 -21.83
C ALA C 212 18.23 3.19 -21.78
N GLY C 213 18.68 2.63 -20.67
CA GLY C 213 18.82 1.24 -20.61
C GLY C 213 17.52 0.53 -20.68
N CYS C 214 16.50 1.04 -19.96
CA CYS C 214 15.20 0.43 -20.06
C CYS C 214 14.68 0.44 -21.48
N THR C 215 14.91 1.57 -22.11
CA THR C 215 14.41 1.80 -23.52
C THR C 215 15.07 0.82 -24.48
N PHE C 216 16.38 0.69 -24.34
CA PHE C 216 17.13 -0.26 -25.19
C PHE C 216 16.56 -1.66 -25.06
N ALA C 217 16.39 -2.13 -23.80
CA ALA C 217 15.92 -3.46 -23.61
C ALA C 217 14.45 -3.62 -24.05
N ALA C 218 13.63 -2.59 -23.82
CA ALA C 218 12.29 -2.65 -24.30
C ALA C 218 12.20 -2.72 -25.83
N ALA C 219 13.03 -1.92 -26.50
CA ALA C 219 13.01 -1.89 -27.98
C ALA C 219 13.48 -3.25 -28.52
N THR C 220 14.51 -3.85 -27.90
CA THR C 220 14.94 -5.18 -28.27
C THR C 220 13.83 -6.17 -28.22
N THR C 221 13.05 -6.12 -27.11
CA THR C 221 11.97 -7.03 -26.92
C THR C 221 10.89 -6.85 -28.04
N ALA C 222 10.51 -5.62 -28.29
CA ALA C 222 9.48 -5.35 -29.32
C ALA C 222 9.96 -5.73 -30.74
N TYR C 223 11.23 -5.46 -31.03
CA TYR C 223 11.76 -5.85 -32.31
C TYR C 223 11.75 -7.35 -32.50
N LEU C 224 12.16 -8.12 -31.48
CA LEU C 224 12.02 -9.58 -31.49
C LEU C 224 10.61 -10.05 -31.71
N ALA C 225 9.66 -9.44 -30.99
CA ALA C 225 8.25 -9.85 -31.09
C ALA C 225 7.75 -9.63 -32.53
N ASN C 226 8.21 -8.56 -33.18
CA ASN C 226 7.72 -8.23 -34.49
C ASN C 226 8.53 -8.89 -35.60
N GLY C 227 9.43 -9.80 -35.24
CA GLY C 227 10.02 -10.68 -36.21
C GLY C 227 11.47 -10.46 -36.60
N LYS C 228 12.13 -9.50 -36.00
CA LYS C 228 13.55 -9.29 -36.30
C LYS C 228 14.39 -10.38 -35.61
N SER C 229 15.45 -10.81 -36.28
CA SER C 229 16.43 -11.70 -35.67
C SER C 229 17.05 -11.01 -34.47
N PRO C 230 17.66 -11.79 -33.57
CA PRO C 230 18.30 -11.15 -32.41
C PRO C 230 19.35 -10.08 -32.77
N LYS C 231 20.21 -10.40 -33.75
CA LYS C 231 21.15 -9.42 -34.22
C LYS C 231 20.47 -8.16 -34.73
N GLU C 232 19.48 -8.31 -35.60
CA GLU C 232 18.85 -7.13 -36.13
C GLU C 232 18.03 -6.36 -35.09
N ALA C 233 17.51 -7.11 -34.13
CA ALA C 233 16.75 -6.52 -33.02
C ALA C 233 17.66 -5.65 -32.11
N VAL C 234 18.85 -6.15 -31.81
CA VAL C 234 19.81 -5.40 -31.03
CA VAL C 234 19.77 -5.35 -30.99
C VAL C 234 20.33 -4.15 -31.76
N ILE C 235 20.63 -4.30 -33.06
CA ILE C 235 21.15 -3.20 -33.85
C ILE C 235 20.05 -2.09 -34.00
N SER C 236 18.83 -2.52 -34.31
CA SER C 236 17.68 -1.57 -34.38
C SER C 236 17.37 -0.92 -33.04
N ALA C 237 17.45 -1.72 -31.96
CA ALA C 237 17.25 -1.16 -30.63
C ALA C 237 18.33 -0.09 -30.28
N LYS C 238 19.59 -0.38 -30.67
CA LYS C 238 20.66 0.60 -30.46
C LYS C 238 20.34 1.91 -31.17
N ALA C 239 19.91 1.79 -32.43
CA ALA C 239 19.56 2.99 -33.20
C ALA C 239 18.41 3.76 -32.55
N PHE C 240 17.41 3.01 -32.14
CA PHE C 240 16.24 3.61 -31.50
C PHE C 240 16.60 4.38 -30.22
N VAL C 241 17.41 3.76 -29.35
CA VAL C 241 17.81 4.45 -28.13
C VAL C 241 18.78 5.59 -28.39
N ALA C 242 19.65 5.44 -29.41
CA ALA C 242 20.54 6.53 -29.73
C ALA C 242 19.80 7.82 -30.09
N SER C 243 18.72 7.69 -30.88
CA SER C 243 17.95 8.85 -31.24
C SER C 243 17.25 9.36 -29.97
N ALA C 244 16.78 8.46 -29.12
CA ALA C 244 16.11 8.90 -27.87
C ALA C 244 17.06 9.69 -26.94
N ILE C 245 18.29 9.24 -26.83
CA ILE C 245 19.27 9.90 -26.04
C ILE C 245 19.68 11.25 -26.63
N LYS C 246 19.94 11.28 -27.96
CA LYS C 246 20.34 12.53 -28.65
C LYS C 246 19.31 13.57 -28.47
N ASN C 247 18.04 13.15 -28.45
CA ASN C 247 16.93 14.05 -28.31
C ASN C 247 16.31 14.16 -26.92
N GLY C 248 17.01 13.68 -25.90
CA GLY C 248 16.57 13.82 -24.54
C GLY C 248 16.48 15.28 -24.10
N TRP C 249 15.82 15.50 -22.96
CA TRP C 249 15.59 16.88 -22.52
C TRP C 249 15.77 16.98 -21.01
N LYS C 250 16.06 18.17 -20.54
CA LYS C 250 16.25 18.43 -19.14
C LYS C 250 14.94 18.60 -18.40
N MET C 251 14.71 17.72 -17.42
CA MET C 251 13.46 17.72 -16.63
C MET C 251 13.59 18.60 -15.39
N ASN C 252 14.78 18.52 -14.78
CA ASN C 252 15.15 19.33 -13.63
C ASN C 252 16.67 19.22 -13.47
N ASP C 253 17.18 19.78 -12.39
CA ASP C 253 18.62 19.79 -12.17
C ASP C 253 19.21 18.39 -11.99
N PHE C 254 18.36 17.41 -11.69
CA PHE C 254 18.77 16.08 -11.30
C PHE C 254 18.68 15.04 -12.39
N VAL C 255 17.77 15.24 -13.35
CA VAL C 255 17.41 14.21 -14.32
C VAL C 255 16.97 14.78 -15.66
N GLY C 256 17.23 14.06 -16.72
CA GLY C 256 16.71 14.39 -18.07
C GLY C 256 16.41 13.09 -18.79
N PRO C 257 15.12 12.88 -19.11
CA PRO C 257 14.81 11.59 -19.79
C PRO C 257 15.13 11.61 -21.29
N VAL C 258 15.35 10.41 -21.77
CA VAL C 258 15.40 10.14 -23.21
C VAL C 258 14.03 10.45 -23.82
N ASP C 259 14.04 10.86 -25.11
CA ASP C 259 12.78 11.06 -25.87
C ASP C 259 12.46 9.77 -26.58
N HIS C 260 11.64 8.93 -25.92
CA HIS C 260 11.35 7.62 -26.39
C HIS C 260 10.81 7.58 -27.84
N GLY C 261 10.14 8.68 -28.23
CA GLY C 261 9.53 8.77 -29.55
C GLY C 261 10.44 9.37 -30.62
N ALA C 262 11.66 9.72 -30.28
CA ALA C 262 12.55 10.44 -31.22
C ALA C 262 12.86 9.64 -32.50
N TYR C 263 13.08 8.34 -32.37
CA TYR C 263 13.39 7.50 -33.53
C TYR C 263 12.34 7.68 -34.61
N ASN C 264 11.06 7.61 -34.23
CA ASN C 264 10.00 7.68 -35.22
C ASN C 264 9.61 9.07 -35.59
N ARG C 265 9.73 9.99 -34.66
CA ARG C 265 9.21 11.33 -34.85
C ARG C 265 10.27 12.32 -35.41
N ILE C 266 11.55 12.07 -35.09
CA ILE C 266 12.63 13.02 -35.33
C ILE C 266 13.63 12.50 -36.38
N GLU C 267 14.30 11.42 -36.04
CA GLU C 267 15.41 10.92 -36.89
C GLU C 267 15.88 9.52 -36.48
N HIS C 268 16.36 8.79 -37.47
CA HIS C 268 17.11 7.61 -37.22
C HIS C 268 18.59 8.01 -37.05
N ILE C 269 19.36 7.11 -36.46
CA ILE C 269 20.80 7.31 -36.17
C ILE C 269 21.50 6.08 -36.70
N ASP C 270 22.59 6.23 -37.44
CA ASP C 270 23.32 5.07 -37.93
C ASP C 270 24.13 4.39 -36.79
N VAL C 271 24.10 3.07 -36.78
CA VAL C 271 24.93 2.28 -35.92
C VAL C 271 26.02 1.64 -36.72
N GLU C 272 27.26 1.92 -36.32
CA GLU C 272 28.41 1.22 -36.95
C GLU C 272 28.54 -0.19 -36.33
N VAL C 273 28.64 -1.19 -37.15
CA VAL C 273 28.80 -2.59 -36.77
C VAL C 273 30.12 -3.10 -37.27
N THR C 274 31.00 -3.53 -36.37
CA THR C 274 32.28 -4.07 -36.76
C THR C 274 32.61 -5.27 -35.96
N GLU C 275 33.02 -6.30 -36.66
CA GLU C 275 33.41 -7.52 -36.00
C GLU C 275 34.75 -7.34 -35.29
N VAL C 276 34.82 -7.86 -34.05
CA VAL C 276 35.96 -7.77 -33.22
C VAL C 276 36.32 -9.13 -32.62
N GLY D 1 4.03 16.37 10.91
CA GLY D 1 3.60 16.72 12.27
C GLY D 1 3.91 15.49 13.11
N ALA D 2 4.02 15.68 14.40
CA ALA D 2 4.13 14.51 15.29
C ALA D 2 2.83 13.70 15.30
N LEU D 3 2.98 12.43 15.59
CA LEU D 3 1.83 11.60 15.74
C LEU D 3 0.99 12.09 16.93
N LYS D 4 -0.30 12.16 16.74
CA LYS D 4 -1.23 12.44 17.83
C LYS D 4 -1.33 11.29 18.77
N LYS D 5 -1.31 11.56 20.09
CA LYS D 5 -1.33 10.55 21.10
C LYS D 5 -2.79 10.33 21.50
N VAL D 6 -3.28 9.10 21.32
CA VAL D 6 -4.68 8.74 21.52
C VAL D 6 -4.78 7.62 22.52
N LEU D 7 -5.41 7.89 23.67
CA LEU D 7 -5.61 6.93 24.73
C LEU D 7 -6.99 6.34 24.74
N THR D 8 -7.07 5.06 24.86
CA THR D 8 -8.28 4.35 25.17
C THR D 8 -8.27 3.84 26.60
N ILE D 9 -9.36 4.03 27.31
CA ILE D 9 -9.59 3.42 28.62
C ILE D 9 -10.59 2.31 28.38
N ALA D 10 -10.10 1.09 28.46
CA ALA D 10 -10.87 -0.08 27.99
C ALA D 10 -10.28 -1.39 28.48
N GLY D 11 -11.02 -2.44 28.30
CA GLY D 11 -10.63 -3.79 28.66
C GLY D 11 -9.99 -4.53 27.50
N SER D 12 -9.30 -5.63 27.83
CA SER D 12 -8.76 -6.50 26.83
C SER D 12 -9.78 -7.52 26.35
N ASP D 13 -10.05 -7.57 25.03
CA ASP D 13 -10.85 -8.60 24.45
C ASP D 13 -9.86 -9.63 23.95
N THR D 14 -9.71 -10.76 24.63
CA THR D 14 -8.68 -11.68 24.24
C THR D 14 -8.87 -12.15 22.77
N SER D 15 -10.12 -12.30 22.29
CA SER D 15 -10.36 -12.66 20.91
C SER D 15 -9.83 -11.66 19.88
N ALA D 16 -9.64 -10.42 20.32
CA ALA D 16 -8.85 -9.33 19.68
C ALA D 16 -9.60 -8.60 18.58
N GLY D 17 -10.92 -8.74 18.54
CA GLY D 17 -11.76 -8.01 17.60
C GLY D 17 -12.34 -6.73 18.12
N ALA D 18 -12.65 -6.72 19.44
CA ALA D 18 -13.22 -5.57 20.11
C ALA D 18 -12.27 -5.09 21.21
N GLY D 19 -12.80 -4.34 22.20
CA GLY D 19 -11.94 -3.94 23.29
C GLY D 19 -10.79 -3.02 22.91
N MET D 20 -9.74 -3.03 23.72
CA MET D 20 -8.61 -2.19 23.47
C MET D 20 -7.90 -2.61 22.19
N GLN D 21 -8.06 -3.91 21.83
CA GLN D 21 -7.41 -4.45 20.62
C GLN D 21 -7.96 -3.69 19.42
N ALA D 22 -9.29 -3.64 19.34
CA ALA D 22 -9.92 -2.85 18.24
C ALA D 22 -9.43 -1.40 18.23
N ASP D 23 -9.36 -0.79 19.42
CA ASP D 23 -8.96 0.59 19.55
C ASP D 23 -7.50 0.75 19.03
N LEU D 24 -6.54 -0.04 19.56
CA LEU D 24 -5.16 0.15 19.13
C LEU D 24 -5.00 -0.13 17.62
N LYS D 25 -5.69 -1.11 17.12
CA LYS D 25 -5.58 -1.45 15.69
C LYS D 25 -6.09 -0.29 14.83
N THR D 26 -7.23 0.25 15.26
CA THR D 26 -7.86 1.35 14.53
C THR D 26 -7.01 2.63 14.60
N PHE D 27 -6.48 2.93 15.80
CA PHE D 27 -5.60 4.06 15.97
C PHE D 27 -4.38 3.92 15.04
N GLN D 28 -3.85 2.72 14.89
CA GLN D 28 -2.70 2.45 14.03
C GLN D 28 -3.06 2.68 12.58
N GLU D 29 -4.22 2.15 12.17
CA GLU D 29 -4.70 2.31 10.79
C GLU D 29 -4.78 3.76 10.41
N LEU D 30 -5.13 4.58 11.38
CA LEU D 30 -5.41 6.02 11.19
C LEU D 30 -4.22 6.90 11.62
N ASP D 31 -3.04 6.30 11.65
CA ASP D 31 -1.80 7.05 11.78
C ASP D 31 -1.72 7.93 12.98
N THR D 32 -2.15 7.37 14.11
CA THR D 32 -2.01 7.98 15.46
C THR D 32 -1.15 7.08 16.31
N TYR D 33 -0.75 7.60 17.47
CA TYR D 33 0.00 6.83 18.44
C TYR D 33 -0.96 6.31 19.50
N GLY D 34 -1.30 5.03 19.41
CA GLY D 34 -2.30 4.45 20.30
C GLY D 34 -1.73 4.06 21.65
N MET D 35 -2.52 4.30 22.69
CA MET D 35 -2.18 3.99 24.06
CA MET D 35 -2.18 3.98 24.07
C MET D 35 -3.40 3.40 24.75
N VAL D 36 -3.17 2.56 25.78
CA VAL D 36 -4.31 2.02 26.48
C VAL D 36 -4.02 2.02 28.01
N ALA D 37 -5.09 2.32 28.77
CA ALA D 37 -5.17 2.05 30.22
C ALA D 37 -6.18 0.93 30.39
N LEU D 38 -5.67 -0.23 30.77
CA LEU D 38 -6.46 -1.46 30.81
C LEU D 38 -7.30 -1.50 32.10
N THR D 39 -8.58 -1.84 31.93
CA THR D 39 -9.54 -1.98 33.04
C THR D 39 -9.89 -3.38 33.49
N ALA D 40 -9.75 -4.34 32.59
CA ALA D 40 -10.28 -5.71 32.78
C ALA D 40 -9.73 -6.57 31.63
N ILE D 41 -9.86 -7.89 31.80
CA ILE D 41 -9.48 -8.81 30.82
C ILE D 41 -10.67 -9.75 30.58
N VAL D 42 -11.11 -9.85 29.32
CA VAL D 42 -12.17 -10.70 28.95
C VAL D 42 -11.67 -11.92 28.19
N THR D 43 -12.08 -13.11 28.64
CA THR D 43 -11.73 -14.39 28.05
C THR D 43 -12.99 -15.13 27.67
N MET D 44 -12.81 -16.16 26.86
CA MET D 44 -13.91 -16.95 26.31
C MET D 44 -13.62 -18.46 26.43
N ASP D 45 -14.61 -19.21 26.87
CA ASP D 45 -14.47 -20.66 27.02
C ASP D 45 -14.35 -21.30 25.60
N LYS D 46 -13.35 -22.22 25.45
CA LYS D 46 -13.00 -22.75 24.15
C LYS D 46 -14.17 -23.51 23.47
N ASP D 47 -15.09 -24.06 24.27
CA ASP D 47 -16.14 -24.94 23.75
C ASP D 47 -17.44 -24.18 23.62
N THR D 48 -17.72 -23.27 24.55
CA THR D 48 -19.01 -22.60 24.59
C THR D 48 -19.03 -21.12 24.24
N TRP D 49 -17.84 -20.52 24.19
CA TRP D 49 -17.63 -19.11 24.04
C TRP D 49 -18.24 -18.21 25.12
N SER D 50 -18.60 -18.81 26.26
CA SER D 50 -19.07 -18.03 27.38
C SER D 50 -17.97 -17.08 27.81
N HIS D 51 -18.31 -15.81 27.98
CA HIS D 51 -17.38 -14.82 28.47
C HIS D 51 -17.10 -14.83 29.97
N ASP D 52 -15.84 -14.59 30.30
CA ASP D 52 -15.39 -14.40 31.70
C ASP D 52 -14.72 -13.04 31.73
N VAL D 53 -15.25 -12.15 32.60
CA VAL D 53 -14.67 -10.82 32.74
C VAL D 53 -13.86 -10.79 34.05
N THR D 54 -12.55 -10.52 33.97
CA THR D 54 -11.68 -10.45 35.13
C THR D 54 -11.32 -8.98 35.26
N PRO D 55 -11.86 -8.32 36.31
CA PRO D 55 -11.45 -6.91 36.51
C PRO D 55 -9.97 -6.83 36.96
N LEU D 56 -9.33 -5.74 36.58
CA LEU D 56 -7.99 -5.44 37.09
C LEU D 56 -8.16 -4.62 38.40
N PRO D 57 -7.26 -4.86 39.38
CA PRO D 57 -7.35 -4.04 40.58
C PRO D 57 -7.24 -2.53 40.33
N MET D 58 -7.85 -1.74 41.21
CA MET D 58 -7.78 -0.30 41.06
C MET D 58 -6.39 0.25 41.15
N ASP D 59 -5.52 -0.38 41.96
CA ASP D 59 -4.18 0.14 42.09
C ASP D 59 -3.44 0.13 40.74
N VAL D 60 -3.54 -0.96 39.99
CA VAL D 60 -2.87 -1.02 38.69
C VAL D 60 -3.56 -0.16 37.63
N PHE D 61 -4.88 -0.05 37.76
CA PHE D 61 -5.60 0.92 36.90
C PHE D 61 -5.07 2.33 37.11
N GLU D 62 -4.97 2.75 38.39
CA GLU D 62 -4.42 4.06 38.68
C GLU D 62 -2.97 4.28 38.26
N LYS D 63 -2.13 3.27 38.42
CA LYS D 63 -0.72 3.36 37.96
C LYS D 63 -0.66 3.63 36.42
N GLN D 64 -1.54 2.97 35.69
CA GLN D 64 -1.56 3.12 34.21
C GLN D 64 -2.03 4.52 33.85
N LEU D 65 -3.06 5.00 34.55
CA LEU D 65 -3.52 6.35 34.28
C LEU D 65 -2.44 7.43 34.58
N GLU D 66 -1.68 7.25 35.67
CA GLU D 66 -0.60 8.16 35.96
C GLU D 66 0.40 8.26 34.81
N THR D 67 0.79 7.12 34.31
CA THR D 67 1.68 7.03 33.19
C THR D 67 1.10 7.70 31.94
N ALA D 68 -0.14 7.34 31.59
CA ALA D 68 -0.76 7.88 30.37
C ALA D 68 -0.91 9.40 30.50
N LEU D 69 -1.30 9.91 31.68
CA LEU D 69 -1.52 11.33 31.84
C LEU D 69 -0.19 12.07 31.73
N SER D 70 0.88 11.51 32.29
CA SER D 70 2.21 12.10 32.16
C SER D 70 2.61 12.24 30.70
N ILE D 71 2.36 11.21 29.90
CA ILE D 71 2.72 11.26 28.48
C ILE D 71 1.93 12.35 27.74
N GLY D 72 0.67 12.51 28.16
CA GLY D 72 -0.12 13.63 27.69
C GLY D 72 -0.91 13.27 26.41
N PRO D 73 -2.08 12.67 26.58
CA PRO D 73 -2.86 12.38 25.37
C PRO D 73 -3.45 13.60 24.72
N ASP D 74 -3.54 13.59 23.40
CA ASP D 74 -4.26 14.55 22.62
C ASP D 74 -5.78 14.27 22.58
N ALA D 75 -6.15 13.00 22.72
CA ALA D 75 -7.54 12.57 22.70
C ALA D 75 -7.71 11.32 23.53
N ILE D 76 -8.89 11.16 24.13
CA ILE D 76 -9.18 10.02 24.98
C ILE D 76 -10.54 9.42 24.55
N LYS D 77 -10.59 8.09 24.42
CA LYS D 77 -11.77 7.32 24.21
C LYS D 77 -12.05 6.47 25.42
N THR D 78 -13.33 6.25 25.76
CA THR D 78 -13.71 5.26 26.72
C THR D 78 -14.47 4.15 26.00
N GLY D 79 -14.07 2.93 26.33
CA GLY D 79 -14.85 1.75 25.99
C GLY D 79 -15.66 1.21 27.11
N MET D 80 -15.99 -0.08 27.01
CA MET D 80 -16.88 -0.58 27.96
C MET D 80 -16.18 -0.45 29.34
N LEU D 81 -16.84 0.21 30.29
CA LEU D 81 -16.21 0.45 31.61
C LEU D 81 -17.17 -0.26 32.57
N GLY D 82 -16.61 -0.92 33.56
CA GLY D 82 -17.39 -1.91 34.32
C GLY D 82 -17.98 -1.44 35.65
N THR D 83 -17.46 -0.37 36.22
CA THR D 83 -17.88 0.08 37.53
C THR D 83 -18.10 1.61 37.58
N GLU D 84 -18.90 2.06 38.52
CA GLU D 84 -19.14 3.51 38.64
C GLU D 84 -17.81 4.23 38.97
N GLU D 85 -16.97 3.56 39.77
CA GLU D 85 -15.70 4.07 40.19
C GLU D 85 -14.80 4.35 39.00
N ILE D 86 -14.73 3.39 38.08
CA ILE D 86 -13.92 3.59 36.85
C ILE D 86 -14.53 4.67 35.93
N ILE D 87 -15.86 4.66 35.80
CA ILE D 87 -16.57 5.66 35.02
C ILE D 87 -16.19 7.07 35.55
N LYS D 88 -16.29 7.24 36.87
CA LYS D 88 -15.98 8.54 37.43
C LYS D 88 -14.51 8.94 37.20
N ARG D 89 -13.61 7.99 37.38
CA ARG D 89 -12.19 8.30 37.21
C ARG D 89 -11.90 8.65 35.73
N ALA D 90 -12.58 7.98 34.82
CA ALA D 90 -12.30 8.25 33.35
C ALA D 90 -12.60 9.69 33.01
N GLY D 91 -13.73 10.18 33.53
CA GLY D 91 -14.05 11.59 33.34
C GLY D 91 -13.01 12.52 33.93
N GLU D 92 -12.58 12.20 35.17
CA GLU D 92 -11.59 13.01 35.88
C GLU D 92 -10.26 13.06 35.15
N VAL D 93 -9.88 11.92 34.56
CA VAL D 93 -8.64 11.80 33.84
C VAL D 93 -8.65 12.74 32.62
N TYR D 94 -9.76 12.75 31.91
CA TYR D 94 -9.86 13.60 30.74
C TYR D 94 -9.79 15.08 31.15
N GLU D 95 -10.51 15.45 32.22
CA GLU D 95 -10.45 16.87 32.67
C GLU D 95 -9.05 17.28 33.14
N ALA D 96 -8.32 16.33 33.76
CA ALA D 96 -6.97 16.64 34.24
C ALA D 96 -5.97 16.78 33.13
N SER D 97 -6.23 16.07 32.04
CA SER D 97 -5.34 16.08 30.90
C SER D 97 -5.45 17.38 30.11
N ASN D 98 -4.57 17.55 29.15
CA ASN D 98 -4.71 18.63 28.13
C ASN D 98 -5.34 18.15 26.83
N ALA D 99 -6.02 17.02 26.91
CA ALA D 99 -6.66 16.44 25.73
C ALA D 99 -7.84 17.32 25.35
N GLN D 100 -7.98 17.56 24.04
CA GLN D 100 -9.06 18.35 23.50
C GLN D 100 -10.30 17.58 23.10
N TYR D 101 -10.21 16.26 23.00
CA TYR D 101 -11.32 15.45 22.51
C TYR D 101 -11.58 14.29 23.47
N PHE D 102 -12.85 14.02 23.76
CA PHE D 102 -13.24 12.91 24.64
C PHE D 102 -14.39 12.20 23.93
N VAL D 103 -14.19 10.95 23.60
CA VAL D 103 -15.22 10.19 22.85
C VAL D 103 -15.64 9.04 23.79
N VAL D 104 -16.94 9.01 24.10
CA VAL D 104 -17.49 8.05 25.02
C VAL D 104 -18.37 7.05 24.27
N ASP D 105 -17.97 5.77 24.28
CA ASP D 105 -18.81 4.70 23.79
C ASP D 105 -19.48 4.09 25.00
N PRO D 106 -20.77 4.35 25.16
CA PRO D 106 -21.48 4.10 26.46
C PRO D 106 -21.98 2.69 26.48
N VAL D 107 -21.06 1.77 26.48
CA VAL D 107 -21.41 0.37 26.26
C VAL D 107 -22.16 -0.12 27.47
N MET D 108 -23.28 -0.75 27.18
CA MET D 108 -24.13 -1.39 28.23
C MET D 108 -24.43 -2.85 27.80
N VAL D 109 -24.90 -3.67 28.73
CA VAL D 109 -25.42 -5.01 28.39
C VAL D 109 -26.75 -5.27 29.10
N GLU D 115 -34.41 -3.64 29.31
CA GLU D 115 -33.90 -3.59 30.70
C GLU D 115 -32.34 -3.73 30.80
N VAL D 116 -31.66 -2.78 31.43
CA VAL D 116 -30.17 -2.78 31.54
C VAL D 116 -29.63 -3.67 32.70
N LEU D 117 -28.41 -4.19 32.56
CA LEU D 117 -27.82 -5.03 33.64
C LEU D 117 -27.40 -4.22 34.88
N ASN D 118 -26.56 -3.20 34.72
CA ASN D 118 -26.35 -2.25 35.83
C ASN D 118 -26.85 -0.81 35.52
N PRO D 119 -28.09 -0.49 35.98
CA PRO D 119 -28.61 0.88 35.83
C PRO D 119 -27.76 1.92 36.59
N GLY D 120 -27.01 1.45 37.60
CA GLY D 120 -26.03 2.28 38.32
C GLY D 120 -24.97 2.81 37.37
N ASN D 121 -24.51 1.94 36.48
CA ASN D 121 -23.51 2.40 35.48
C ASN D 121 -24.08 3.46 34.52
N THR D 122 -25.32 3.26 34.11
CA THR D 122 -25.98 4.25 33.26
C THR D 122 -26.02 5.59 33.98
N GLU D 123 -26.52 5.59 35.21
CA GLU D 123 -26.51 6.83 36.04
C GLU D 123 -25.13 7.49 36.15
N ALA D 124 -24.10 6.69 36.41
CA ALA D 124 -22.72 7.20 36.39
C ALA D 124 -22.25 7.82 35.06
N MET D 125 -22.59 7.19 33.94
CA MET D 125 -22.28 7.75 32.64
C MET D 125 -22.94 9.11 32.42
N ILE D 126 -24.21 9.20 32.78
CA ILE D 126 -24.95 10.45 32.63
C ILE D 126 -24.32 11.51 33.51
N LYS D 127 -23.94 11.14 34.74
CA LYS D 127 -23.42 12.13 35.70
C LYS D 127 -22.01 12.61 35.34
N TYR D 128 -21.12 11.64 35.03
CA TYR D 128 -19.70 11.93 34.93
C TYR D 128 -19.16 11.98 33.52
N LEU D 129 -19.81 11.32 32.54
CA LEU D 129 -19.19 11.29 31.22
C LEU D 129 -19.89 12.15 30.19
N LEU D 130 -21.23 12.14 30.23
CA LEU D 130 -21.95 12.89 29.22
C LEU D 130 -21.56 14.40 29.24
N PRO D 131 -21.49 15.03 30.45
CA PRO D 131 -21.16 16.45 30.45
C PRO D 131 -19.75 16.81 29.93
N LYS D 132 -18.87 15.81 29.76
CA LYS D 132 -17.53 16.04 29.29
C LYS D 132 -17.33 15.59 27.82
N ALA D 133 -18.29 14.83 27.28
CA ALA D 133 -18.06 14.15 26.01
C ALA D 133 -18.10 15.11 24.82
N THR D 134 -17.07 15.05 24.02
CA THR D 134 -17.09 15.67 22.69
C THR D 134 -18.07 14.91 21.75
N VAL D 135 -18.01 13.58 21.76
CA VAL D 135 -18.96 12.74 21.02
C VAL D 135 -19.31 11.58 21.91
N VAL D 136 -20.59 11.24 21.93
CA VAL D 136 -21.06 10.05 22.57
C VAL D 136 -21.72 9.18 21.52
N THR D 137 -21.45 7.87 21.57
CA THR D 137 -21.75 6.98 20.48
C THR D 137 -22.63 5.77 20.86
N PRO D 138 -23.81 6.00 21.42
CA PRO D 138 -24.67 4.89 21.82
C PRO D 138 -25.25 4.11 20.67
N ASN D 139 -25.43 2.81 20.91
CA ASN D 139 -26.34 2.10 20.02
C ASN D 139 -27.80 2.42 20.36
N LEU D 140 -28.73 1.81 19.64
CA LEU D 140 -30.16 2.16 19.82
C LEU D 140 -30.61 1.88 21.27
N PHE D 141 -30.24 0.71 21.80
CA PHE D 141 -30.53 0.39 23.18
C PHE D 141 -29.98 1.37 24.17
N GLU D 142 -28.65 1.63 24.08
CA GLU D 142 -27.95 2.55 24.99
C GLU D 142 -28.54 3.96 24.92
N ALA D 143 -28.96 4.39 23.76
CA ALA D 143 -29.53 5.73 23.63
C ALA D 143 -30.87 5.85 24.40
N GLY D 144 -31.66 4.78 24.37
CA GLY D 144 -32.91 4.75 25.16
C GLY D 144 -32.69 4.80 26.66
N GLN D 145 -31.58 4.25 27.09
CA GLN D 145 -31.19 4.23 28.53
C GLN D 145 -30.64 5.54 29.01
N LEU D 146 -29.76 6.12 28.20
CA LEU D 146 -29.15 7.41 28.53
C LEU D 146 -30.19 8.51 28.53
N SER D 147 -31.17 8.42 27.63
CA SER D 147 -32.22 9.45 27.50
C SER D 147 -33.38 9.23 28.42
N GLY D 148 -33.46 8.08 29.03
CA GLY D 148 -34.64 7.73 29.86
C GLY D 148 -35.91 7.48 29.06
N LEU D 149 -35.82 7.41 27.73
CA LEU D 149 -36.97 7.10 26.91
C LEU D 149 -37.34 5.60 26.89
N GLY D 150 -36.45 4.71 27.31
CA GLY D 150 -36.67 3.29 27.07
C GLY D 150 -36.52 2.95 25.57
N LYS D 151 -37.23 1.94 25.11
CA LYS D 151 -37.11 1.45 23.72
C LYS D 151 -37.37 2.53 22.62
N LEU D 152 -36.40 2.70 21.73
CA LEU D 152 -36.53 3.55 20.54
C LEU D 152 -36.82 2.67 19.32
N ASN D 153 -37.70 3.13 18.42
CA ASN D 153 -38.18 2.32 17.29
C ASN D 153 -38.11 2.98 15.94
N SER D 154 -37.66 4.23 15.91
CA SER D 154 -37.71 5.04 14.69
C SER D 154 -36.66 6.17 14.71
N ILE D 155 -36.42 6.77 13.55
CA ILE D 155 -35.63 7.96 13.46
C ILE D 155 -36.19 9.09 14.30
N GLU D 156 -37.50 9.18 14.41
CA GLU D 156 -38.10 10.27 15.19
C GLU D 156 -37.83 10.06 16.67
N ASP D 157 -37.82 8.81 17.11
CA ASP D 157 -37.53 8.48 18.52
C ASP D 157 -36.03 8.77 18.79
N MET D 158 -35.18 8.44 17.84
CA MET D 158 -33.76 8.74 17.94
C MET D 158 -33.50 10.24 17.99
N LYS D 159 -34.26 11.06 17.23
CA LYS D 159 -34.11 12.51 17.36
C LYS D 159 -34.39 12.97 18.81
N LYS D 160 -35.46 12.48 19.39
CA LYS D 160 -35.82 12.83 20.78
C LYS D 160 -34.71 12.43 21.79
N ALA D 161 -34.21 11.21 21.63
CA ALA D 161 -33.19 10.70 22.55
C ALA D 161 -31.90 11.54 22.36
N ALA D 162 -31.56 11.87 21.13
CA ALA D 162 -30.37 12.62 20.89
C ALA D 162 -30.43 14.01 21.53
N THR D 163 -31.58 14.69 21.40
CA THR D 163 -31.81 15.95 22.05
C THR D 163 -31.58 15.87 23.55
N ILE D 164 -32.17 14.86 24.18
CA ILE D 164 -32.06 14.70 25.62
C ILE D 164 -30.60 14.46 26.02
N ILE D 165 -29.92 13.58 25.28
CA ILE D 165 -28.46 13.32 25.56
C ILE D 165 -27.57 14.57 25.37
N PHE D 166 -27.79 15.30 24.26
CA PHE D 166 -27.12 16.59 24.07
C PHE D 166 -27.42 17.55 25.21
N ASP D 167 -28.66 17.60 25.66
CA ASP D 167 -28.99 18.53 26.71
C ASP D 167 -28.33 18.17 28.05
N LYS D 168 -27.95 16.91 28.20
CA LYS D 168 -27.27 16.42 29.40
C LYS D 168 -25.78 16.77 29.34
N GLY D 169 -25.34 17.33 28.20
CA GLY D 169 -24.03 17.89 28.14
C GLY D 169 -23.13 17.39 27.05
N ALA D 170 -23.52 16.31 26.36
CA ALA D 170 -22.68 15.79 25.24
C ALA D 170 -22.70 16.80 24.07
N GLN D 171 -21.53 17.16 23.54
CA GLN D 171 -21.47 18.11 22.45
C GLN D 171 -22.01 17.64 21.11
N HIS D 172 -21.86 16.35 20.84
CA HIS D 172 -22.27 15.72 19.59
C HIS D 172 -22.71 14.34 20.00
N VAL D 173 -23.81 13.92 19.41
CA VAL D 173 -24.40 12.60 19.71
C VAL D 173 -24.63 11.85 18.42
N ILE D 174 -24.13 10.62 18.34
CA ILE D 174 -24.49 9.73 17.20
C ILE D 174 -25.05 8.44 17.75
N ILE D 175 -26.32 8.19 17.39
CA ILE D 175 -27.03 7.00 17.79
C ILE D 175 -27.03 6.04 16.57
N LYS D 176 -26.50 4.86 16.83
CA LYS D 176 -26.37 3.82 15.81
C LYS D 176 -27.64 2.98 15.84
N GLY D 177 -28.43 3.05 14.75
CA GLY D 177 -29.61 2.27 14.65
C GLY D 177 -29.36 0.75 14.65
N GLY D 178 -28.45 0.39 13.75
CA GLY D 178 -28.03 -0.99 13.61
C GLY D 178 -29.16 -1.88 13.14
N LYS D 179 -28.95 -3.15 13.31
CA LYS D 179 -29.95 -4.16 12.94
C LYS D 179 -31.22 -4.03 13.76
N ALA D 180 -31.13 -3.48 14.98
CA ALA D 180 -32.30 -3.23 15.82
C ALA D 180 -33.27 -2.30 15.12
N LEU D 181 -32.79 -1.35 14.34
CA LEU D 181 -33.66 -0.37 13.69
C LEU D 181 -34.13 -0.91 12.32
N ASP D 182 -33.21 -1.48 11.55
CA ASP D 182 -33.49 -1.86 10.18
C ASP D 182 -32.50 -2.92 9.78
N GLN D 183 -33.01 -3.95 9.10
CA GLN D 183 -32.17 -5.10 8.75
C GLN D 183 -31.60 -5.04 7.32
N ASP D 184 -31.98 -4.06 6.54
CA ASP D 184 -31.47 -3.90 5.20
C ASP D 184 -30.54 -2.75 4.94
N LYS D 185 -30.68 -1.69 5.74
CA LYS D 185 -29.81 -0.56 5.69
C LYS D 185 -29.40 -0.19 7.12
N SER D 186 -28.19 0.37 7.25
CA SER D 186 -27.66 0.81 8.55
C SER D 186 -27.84 2.32 8.70
N TYR D 187 -28.74 2.71 9.57
CA TYR D 187 -29.08 4.13 9.76
C TYR D 187 -28.58 4.61 11.11
N ASP D 188 -27.83 5.73 11.10
CA ASP D 188 -27.42 6.39 12.31
C ASP D 188 -27.95 7.82 12.29
N LEU D 189 -28.24 8.29 13.50
CA LEU D 189 -28.78 9.64 13.72
C LEU D 189 -27.68 10.45 14.46
N TYR D 190 -27.16 11.45 13.78
CA TYR D 190 -26.13 12.37 14.30
C TYR D 190 -26.76 13.75 14.59
N TYR D 191 -26.49 14.28 15.79
CA TYR D 191 -27.06 15.57 16.23
C TYR D 191 -25.97 16.42 16.85
N ASP D 192 -25.90 17.71 16.47
CA ASP D 192 -24.90 18.60 16.92
C ASP D 192 -25.47 19.77 17.74
N GLY D 193 -26.72 19.66 18.14
CA GLY D 193 -27.40 20.74 18.88
C GLY D 193 -28.24 21.65 18.03
N GLN D 194 -28.08 21.56 16.71
CA GLN D 194 -28.77 22.42 15.76
C GLN D 194 -29.50 21.60 14.71
N THR D 195 -28.86 20.54 14.17
CA THR D 195 -29.34 19.83 13.02
C THR D 195 -29.26 18.34 13.26
N PHE D 196 -30.32 17.63 12.87
CA PHE D 196 -30.33 16.17 12.83
C PHE D 196 -29.96 15.62 11.45
N TYR D 197 -28.90 14.79 11.39
CA TYR D 197 -28.43 14.22 10.14
C TYR D 197 -28.59 12.69 10.24
N GLN D 198 -29.12 12.09 9.19
CA GLN D 198 -29.22 10.63 9.10
C GLN D 198 -28.07 10.20 8.24
N LEU D 199 -27.33 9.20 8.71
CA LEU D 199 -26.23 8.67 7.94
C LEU D 199 -26.59 7.23 7.61
N THR D 200 -26.45 6.85 6.34
CA THR D 200 -26.83 5.49 5.93
CA THR D 200 -26.81 5.48 5.94
C THR D 200 -25.73 4.78 5.11
N THR D 201 -25.54 3.50 5.43
CA THR D 201 -24.73 2.64 4.58
C THR D 201 -25.59 1.43 4.26
N ASP D 202 -25.29 0.79 3.11
CA ASP D 202 -25.84 -0.51 2.81
C ASP D 202 -25.41 -1.53 3.82
N MET D 203 -26.14 -2.62 3.88
CA MET D 203 -25.64 -3.83 4.54
C MET D 203 -25.39 -4.94 3.55
N PHE D 204 -24.48 -5.84 3.95
CA PHE D 204 -23.91 -6.84 3.05
C PHE D 204 -24.02 -8.24 3.71
N GLN D 205 -24.34 -9.24 2.87
CA GLN D 205 -24.73 -10.60 3.29
C GLN D 205 -23.74 -11.39 4.18
N GLN D 206 -22.45 -11.33 3.86
CA GLN D 206 -21.45 -12.18 4.56
C GLN D 206 -20.68 -11.29 5.54
N SER D 207 -21.36 -10.37 6.22
CA SER D 207 -20.68 -9.39 7.06
C SER D 207 -20.47 -10.03 8.45
N TYR D 208 -19.54 -9.49 9.23
CA TYR D 208 -19.35 -9.94 10.71
C TYR D 208 -19.11 -8.71 11.53
N ASN D 209 -19.55 -8.67 12.79
CA ASN D 209 -19.73 -7.40 13.42
C ASN D 209 -19.09 -7.31 14.81
N HIS D 210 -18.31 -8.31 15.20
CA HIS D 210 -17.68 -8.23 16.50
C HIS D 210 -16.58 -7.17 16.51
N GLY D 211 -16.68 -6.20 17.42
CA GLY D 211 -15.79 -5.07 17.47
C GLY D 211 -16.24 -3.87 16.67
N ALA D 212 -17.41 -3.92 16.03
CA ALA D 212 -17.82 -2.79 15.21
C ALA D 212 -17.98 -1.49 16.03
N GLY D 213 -18.66 -1.59 17.17
CA GLY D 213 -18.92 -0.41 17.96
C GLY D 213 -17.62 0.21 18.47
N CYS D 214 -16.72 -0.64 18.97
CA CYS D 214 -15.41 -0.15 19.47
C CYS D 214 -14.68 0.54 18.34
N THR D 215 -14.64 -0.09 17.16
CA THR D 215 -13.94 0.43 15.99
C THR D 215 -14.49 1.80 15.55
N PHE D 216 -15.83 1.93 15.52
CA PHE D 216 -16.44 3.19 15.14
C PHE D 216 -16.03 4.30 16.07
N ALA D 217 -16.12 4.04 17.38
CA ALA D 217 -15.75 5.05 18.36
C ALA D 217 -14.24 5.38 18.33
N ALA D 218 -13.39 4.34 18.17
CA ALA D 218 -11.97 4.56 18.02
C ALA D 218 -11.61 5.37 16.76
N ALA D 219 -12.29 5.12 15.64
CA ALA D 219 -12.00 5.86 14.43
C ALA D 219 -12.43 7.31 14.61
N THR D 220 -13.62 7.52 15.24
CA THR D 220 -14.09 8.88 15.50
C THR D 220 -13.02 9.64 16.28
N THR D 221 -12.45 9.02 17.29
CA THR D 221 -11.45 9.63 18.14
C THR D 221 -10.18 10.00 17.36
N ALA D 222 -9.66 9.07 16.55
CA ALA D 222 -8.47 9.32 15.77
C ALA D 222 -8.73 10.41 14.72
N TYR D 223 -9.89 10.40 14.08
CA TYR D 223 -10.24 11.45 13.14
C TYR D 223 -10.31 12.84 13.73
N LEU D 224 -10.90 12.96 14.92
CA LEU D 224 -10.88 14.18 15.68
C LEU D 224 -9.45 14.61 15.98
N ALA D 225 -8.64 13.70 16.49
CA ALA D 225 -7.29 14.01 16.91
C ALA D 225 -6.51 14.55 15.70
N ASN D 226 -6.73 13.97 14.53
CA ASN D 226 -6.01 14.38 13.32
C ASN D 226 -6.64 15.55 12.59
N GLY D 227 -7.66 16.18 13.20
CA GLY D 227 -8.13 17.48 12.71
C GLY D 227 -9.45 17.56 11.98
N LYS D 228 -10.18 16.44 11.89
CA LYS D 228 -11.49 16.47 11.25
C LYS D 228 -12.45 17.10 12.22
N SER D 229 -13.41 17.86 11.70
CA SER D 229 -14.54 18.34 12.52
C SER D 229 -15.35 17.19 13.01
N PRO D 230 -16.08 17.38 14.11
CA PRO D 230 -16.94 16.29 14.58
C PRO D 230 -17.87 15.65 13.54
N LYS D 231 -18.52 16.47 12.73
CA LYS D 231 -19.31 15.94 11.64
C LYS D 231 -18.49 15.09 10.68
N GLU D 232 -17.36 15.67 10.18
CA GLU D 232 -16.49 14.94 9.25
C GLU D 232 -15.97 13.65 9.90
N ALA D 233 -15.70 13.70 11.21
CA ALA D 233 -15.10 12.56 11.89
C ALA D 233 -16.12 11.42 11.99
N VAL D 234 -17.36 11.71 12.40
CA VAL D 234 -18.35 10.65 12.45
C VAL D 234 -18.69 10.04 11.09
N ILE D 235 -18.70 10.86 10.05
CA ILE D 235 -19.03 10.39 8.67
C ILE D 235 -17.88 9.50 8.19
N SER D 236 -16.64 9.93 8.42
CA SER D 236 -15.50 9.13 8.00
C SER D 236 -15.43 7.86 8.83
N ALA D 237 -15.71 7.96 10.16
CA ALA D 237 -15.71 6.76 11.01
C ALA D 237 -16.76 5.72 10.60
N LYS D 238 -17.94 6.22 10.18
CA LYS D 238 -18.99 5.32 9.72
CA LYS D 238 -19.03 5.38 9.67
C LYS D 238 -18.53 4.55 8.47
N ALA D 239 -17.88 5.23 7.53
CA ALA D 239 -17.31 4.58 6.31
C ALA D 239 -16.25 3.59 6.67
N PHE D 240 -15.42 3.95 7.66
CA PHE D 240 -14.31 3.11 8.14
C PHE D 240 -14.87 1.79 8.71
N VAL D 241 -15.85 1.88 9.63
CA VAL D 241 -16.40 0.68 10.21
C VAL D 241 -17.28 -0.10 9.24
N ALA D 242 -17.97 0.62 8.31
CA ALA D 242 -18.75 -0.12 7.31
C ALA D 242 -17.85 -1.05 6.47
N SER D 243 -16.65 -0.61 6.11
CA SER D 243 -15.77 -1.43 5.38
C SER D 243 -15.29 -2.64 6.24
N ALA D 244 -15.00 -2.34 7.50
CA ALA D 244 -14.58 -3.34 8.47
C ALA D 244 -15.61 -4.44 8.63
N ILE D 245 -16.88 -4.06 8.78
CA ILE D 245 -17.98 -5.00 8.93
C ILE D 245 -18.18 -5.86 7.65
N LYS D 246 -18.25 -5.21 6.48
CA LYS D 246 -18.42 -5.90 5.24
C LYS D 246 -17.38 -6.97 5.00
N ASN D 247 -16.15 -6.70 5.45
CA ASN D 247 -14.98 -7.55 5.27
C ASN D 247 -14.60 -8.36 6.53
N GLY D 248 -15.55 -8.46 7.44
CA GLY D 248 -15.37 -9.27 8.66
C GLY D 248 -15.23 -10.75 8.30
N TRP D 249 -14.74 -11.58 9.20
CA TRP D 249 -14.51 -12.96 8.88
C TRP D 249 -14.86 -13.84 10.03
N LYS D 250 -15.17 -15.09 9.69
CA LYS D 250 -15.69 -16.06 10.67
C LYS D 250 -14.54 -16.66 11.49
N MET D 251 -14.61 -16.45 12.81
CA MET D 251 -13.63 -16.92 13.73
C MET D 251 -13.94 -18.31 14.23
N ASN D 252 -15.20 -18.51 14.56
CA ASN D 252 -15.65 -19.84 14.98
C ASN D 252 -17.18 -19.83 14.88
N ASP D 253 -17.83 -20.87 15.43
CA ASP D 253 -19.27 -20.99 15.35
C ASP D 253 -20.03 -19.88 16.02
N PHE D 254 -19.34 -19.12 16.88
CA PHE D 254 -20.01 -18.12 17.75
C PHE D 254 -19.78 -16.66 17.33
N VAL D 255 -18.67 -16.37 16.64
CA VAL D 255 -18.29 -14.97 16.47
C VAL D 255 -17.45 -14.79 15.21
N GLY D 256 -17.44 -13.54 14.71
CA GLY D 256 -16.48 -13.20 13.72
C GLY D 256 -16.18 -11.70 13.87
N PRO D 257 -14.87 -11.31 13.89
CA PRO D 257 -14.53 -9.92 14.06
C PRO D 257 -14.58 -9.12 12.78
N VAL D 258 -14.86 -7.84 12.91
CA VAL D 258 -14.63 -6.85 11.81
C VAL D 258 -13.12 -6.90 11.37
N ASP D 259 -12.87 -6.54 10.12
CA ASP D 259 -11.53 -6.31 9.60
C ASP D 259 -11.10 -4.87 9.72
N HIS D 260 -10.46 -4.54 10.82
CA HIS D 260 -10.12 -3.15 11.15
C HIS D 260 -9.36 -2.44 10.04
N GLY D 261 -8.59 -3.22 9.30
CA GLY D 261 -7.77 -2.65 8.21
C GLY D 261 -8.46 -2.56 6.84
N ALA D 262 -9.74 -2.94 6.76
CA ALA D 262 -10.36 -3.03 5.45
C ALA D 262 -10.52 -1.72 4.78
N TYR D 263 -10.80 -0.64 5.51
CA TYR D 263 -10.96 0.68 4.88
C TYR D 263 -9.72 1.07 4.05
N ASN D 264 -8.53 0.87 4.60
CA ASN D 264 -7.32 1.24 3.93
C ASN D 264 -6.82 0.18 2.92
N ARG D 265 -7.09 -1.08 3.19
CA ARG D 265 -6.49 -2.16 2.41
C ARG D 265 -7.40 -2.72 1.30
N ILE D 266 -8.69 -2.67 1.52
CA ILE D 266 -9.69 -3.32 0.69
C ILE D 266 -10.55 -2.32 -0.08
N GLU D 267 -11.31 -1.49 0.63
CA GLU D 267 -12.29 -0.58 0.02
C GLU D 267 -12.90 0.42 0.98
N HIS D 268 -13.38 1.54 0.43
CA HIS D 268 -14.26 2.46 1.13
C HIS D 268 -15.70 2.05 0.86
N ILE D 269 -16.59 2.40 1.80
CA ILE D 269 -18.02 2.15 1.67
C ILE D 269 -18.68 3.54 1.65
N ASP D 270 -19.63 3.74 0.74
CA ASP D 270 -20.34 5.00 0.66
C ASP D 270 -21.24 5.26 1.85
N VAL D 271 -21.21 6.49 2.33
CA VAL D 271 -22.14 6.91 3.42
C VAL D 271 -23.02 8.05 2.84
N GLU D 272 -24.33 7.80 2.85
CA GLU D 272 -25.31 8.79 2.45
C GLU D 272 -25.67 9.63 3.65
N VAL D 273 -25.61 10.96 3.49
CA VAL D 273 -25.92 11.89 4.56
C VAL D 273 -27.12 12.76 4.15
N THR D 274 -28.13 12.81 5.01
CA THR D 274 -29.32 13.60 4.75
C THR D 274 -29.75 14.30 6.03
N GLU D 275 -30.39 15.47 5.92
CA GLU D 275 -31.02 16.13 7.11
C GLU D 275 -32.45 15.62 7.31
N VAL D 276 -32.79 15.32 8.57
CA VAL D 276 -34.06 14.71 8.94
C VAL D 276 -34.75 15.42 10.10
S SO4 E . 12.96 -3.10 22.98
O1 SO4 E . 11.77 -3.45 22.18
O2 SO4 E . 13.09 -4.22 23.97
O3 SO4 E . 12.83 -1.75 23.63
O4 SO4 E . 14.22 -3.03 22.15
S SO4 F . 7.50 -5.73 1.29
O1 SO4 F . 6.53 -5.80 0.11
O2 SO4 F . 7.15 -6.85 2.26
O3 SO4 F . 7.37 -4.35 1.88
O4 SO4 F . 8.95 -5.90 0.84
S SO4 G . -5.76 -23.78 13.29
O1 SO4 G . -6.82 -22.74 13.17
O2 SO4 G . -6.23 -25.06 12.72
O3 SO4 G . -5.49 -24.05 14.71
O4 SO4 G . -4.49 -23.32 12.65
S SO4 H . -13.50 2.61 -20.78
O1 SO4 H . -14.59 3.01 -21.83
O2 SO4 H . -13.34 1.08 -20.88
O3 SO4 H . -13.95 3.02 -19.41
O4 SO4 H . -12.22 3.30 -21.04
S SO4 I . 5.90 24.50 -14.04
O1 SO4 I . 5.26 25.71 -14.62
O2 SO4 I . 5.19 24.04 -12.82
O3 SO4 I . 7.29 24.85 -13.66
O4 SO4 I . 5.91 23.43 -15.06
S SO4 J . -1.02 19.68 -3.30
O1 SO4 J . -2.51 19.86 -3.48
O2 SO4 J . -0.66 18.30 -3.73
O3 SO4 J . -0.64 19.83 -1.88
O4 SO4 J . -0.29 20.77 -4.02
S SO4 K . -21.30 3.08 -24.19
O1 SO4 K . -22.85 3.19 -24.19
O2 SO4 K . -20.86 1.95 -23.29
O3 SO4 K . -20.78 4.44 -23.75
O4 SO4 K . -20.80 2.69 -25.58
S SO4 L . 18.16 3.47 -17.24
O1 SO4 L . 16.98 3.06 -18.06
O2 SO4 L . 18.30 2.47 -16.16
O3 SO4 L . 17.91 4.91 -16.64
O4 SO4 L . 19.44 3.57 -18.12
S SO4 M . 26.94 4.87 -18.43
O1 SO4 M . 26.76 5.53 -19.75
O2 SO4 M . 25.75 4.01 -18.20
O3 SO4 M . 26.93 5.91 -17.36
O4 SO4 M . 28.21 4.07 -18.31
S SO4 N . 20.88 -12.43 -38.82
O1 SO4 N . 20.39 -11.02 -38.93
O2 SO4 N . 19.78 -13.38 -39.19
O3 SO4 N . 21.29 -12.69 -37.42
O4 SO4 N . 22.05 -12.63 -39.70
S SO4 O . -18.80 -4.01 19.65
O1 SO4 O . -19.85 -3.62 18.57
O2 SO4 O . -18.53 -5.56 19.59
O3 SO4 O . -19.23 -3.63 21.09
O4 SO4 O . -17.47 -3.32 19.49
S SO4 P . -6.15 12.55 37.52
O1 SO4 P . -7.54 12.74 38.01
O2 SO4 P . -6.11 12.61 36.04
O3 SO4 P . -5.67 11.19 37.93
O4 SO4 P . -5.29 13.64 38.10
S SO4 Q . 0.30 17.58 27.18
O1 SO4 Q . -0.64 17.12 26.12
O2 SO4 Q . -0.28 17.17 28.48
O3 SO4 Q . 0.39 19.06 27.08
O4 SO4 Q . 1.67 16.99 27.04
S SO4 R . -26.77 -3.79 16.30
O1 SO4 R . -28.25 -3.49 16.47
O2 SO4 R . -26.49 -5.14 16.92
O3 SO4 R . -25.95 -2.64 16.86
O4 SO4 R . -26.47 -3.94 14.84
#